data_1UN9
#
_entry.id   1UN9
#
_cell.length_a   100.788
_cell.length_b   124.869
_cell.length_c   236.530
_cell.angle_alpha   90.00
_cell.angle_beta   90.00
_cell.angle_gamma   90.00
#
_symmetry.space_group_name_H-M   'C 2 2 21'
#
loop_
_entity.id
_entity.type
_entity.pdbx_description
1 polymer 'DIHYDROXYACETONE KINASE'
2 non-polymer 'PHOSPHOAMINOPHOSPHONIC ACID-ADENYLATE ESTER'
3 non-polymer 'MAGNESIUM ION'
4 non-polymer Dihydroxyacetone
#
_entity_poly.entity_id   1
_entity_poly.type   'polypeptide(L)'
_entity_poly.pdbx_seq_one_letter_code
;ASQFFFNQRTHLVSDVIDGAIIASPWNNLARLESDPAIRIVVRRDLNKNNVAVISGGGSGHEPAHVGFIGKGMLTAAVCG
DVFASPSVDAVLTAIQAVTGEAGCLLIVKNYTGDRLNFGLAAEKARRLGYNVEMLIVGDDISLPDNKHPRGIAGTILVHK
IAGYFAERGYNLATVLREAQYAASNTFSLGVALSSCHLPQETDAAPRHHPGHAELGMGIHGEPGASVIDTQNSAQVVNLM
VDKLLAALPETGRLAVMINNLGGVSVAEMAIITRELASSPLHSRIDWLIGPASLVTALDMKGFSLTAIVLEESIEKALLT
EVETSNWPTPVPPREITCVVSSHASARVEFQPSANALVAGIVELVTATLSDLETHLNALDAKVGDGDTGSTFAAAAREIA
SLLHRQQLPLNNLATLFALIGERLTVVMGGSSGVLMSIFFTAAGQKLEQGANVVEALNTGLAQMKFYGGADEGDRTMIDA
LQPALTSLLAQPKNLQAAFDAAQAGAERTCLSSKANAGRASYLSSESLLGNMDPGAQALAMVFKALAESELG
;
_entity_poly.pdbx_strand_id   A,B
#
# COMPACT_ATOMS: atom_id res chain seq x y z
N ALA A 1 -4.91 -16.80 17.13
CA ALA A 1 -3.88 -15.90 16.53
C ALA A 1 -4.05 -15.66 15.01
N SER A 2 -3.70 -14.44 14.60
CA SER A 2 -3.76 -13.94 13.22
C SER A 2 -2.96 -12.62 13.14
N GLN A 3 -3.37 -11.71 12.27
CA GLN A 3 -2.70 -10.42 12.12
C GLN A 3 -3.61 -9.46 11.36
N PHE A 4 -4.69 -9.04 12.00
CA PHE A 4 -5.63 -8.18 11.33
C PHE A 4 -6.18 -7.08 12.21
N PHE A 5 -6.14 -5.84 11.71
CA PHE A 5 -6.69 -4.71 12.43
C PHE A 5 -8.17 -4.67 12.13
N PHE A 6 -8.97 -5.05 13.13
CA PHE A 6 -10.43 -5.05 13.00
C PHE A 6 -11.07 -5.17 14.39
N ASN A 7 -12.27 -4.63 14.51
CA ASN A 7 -13.00 -4.65 15.77
C ASN A 7 -13.97 -5.82 15.85
N GLN A 8 -15.24 -5.57 15.56
CA GLN A 8 -16.29 -6.59 15.59
C GLN A 8 -16.30 -7.38 14.28
N ARG A 9 -15.95 -8.67 14.31
CA ARG A 9 -15.92 -9.42 13.05
C ARG A 9 -17.13 -9.15 12.17
N THR A 10 -18.31 -9.16 12.77
CA THR A 10 -19.55 -8.95 12.04
C THR A 10 -19.77 -7.55 11.49
N HIS A 11 -19.01 -6.57 11.95
CA HIS A 11 -19.17 -5.20 11.42
C HIS A 11 -18.00 -4.88 10.46
N LEU A 12 -17.17 -5.89 10.20
CA LEU A 12 -16.01 -5.73 9.32
C LEU A 12 -16.36 -4.97 8.04
N VAL A 13 -17.07 -5.63 7.14
CA VAL A 13 -17.46 -5.03 5.87
C VAL A 13 -17.98 -3.60 6.01
N SER A 14 -18.95 -3.44 6.90
CA SER A 14 -19.55 -2.15 7.15
C SER A 14 -18.51 -1.11 7.47
N ASP A 15 -17.72 -1.37 8.51
CA ASP A 15 -16.69 -0.44 8.94
C ASP A 15 -15.82 0.03 7.77
N VAL A 16 -15.54 -0.87 6.83
CA VAL A 16 -14.71 -0.51 5.67
C VAL A 16 -15.43 0.48 4.75
N ILE A 17 -16.74 0.31 4.60
CA ILE A 17 -17.55 1.22 3.78
C ILE A 17 -17.47 2.61 4.43
N ASP A 18 -17.68 2.64 5.74
CA ASP A 18 -17.61 3.89 6.48
C ASP A 18 -16.30 4.61 6.19
N GLY A 19 -15.18 4.01 6.56
CA GLY A 19 -13.89 4.64 6.33
C GLY A 19 -13.61 4.98 4.87
N ALA A 20 -14.27 4.28 3.97
CA ALA A 20 -14.06 4.54 2.54
C ALA A 20 -14.74 5.86 2.25
N ILE A 21 -15.89 6.03 2.89
CA ILE A 21 -16.70 7.24 2.75
C ILE A 21 -16.03 8.44 3.45
N ILE A 22 -15.70 8.28 4.73
CA ILE A 22 -15.04 9.32 5.54
C ILE A 22 -13.79 9.89 4.85
N ALA A 23 -13.40 9.31 3.72
CA ALA A 23 -12.20 9.77 3.02
C ALA A 23 -12.47 10.15 1.57
N SER A 24 -13.73 10.19 1.17
CA SER A 24 -14.06 10.54 -0.20
C SER A 24 -13.52 11.88 -0.61
N PRO A 25 -12.64 11.91 -1.60
CA PRO A 25 -12.11 13.21 -2.03
C PRO A 25 -13.24 14.13 -2.56
N TRP A 26 -14.22 13.55 -3.27
CA TRP A 26 -15.35 14.30 -3.83
C TRP A 26 -16.63 14.23 -2.98
N ASN A 27 -16.52 13.72 -1.77
CA ASN A 27 -17.70 13.59 -0.91
C ASN A 27 -18.91 13.17 -1.74
N ASN A 28 -18.72 12.25 -2.67
CA ASN A 28 -19.80 11.77 -3.55
C ASN A 28 -20.27 10.36 -3.25
N LEU A 29 -19.88 9.80 -2.11
CA LEU A 29 -20.29 8.46 -1.77
C LEU A 29 -21.35 8.47 -0.67
N ALA A 30 -22.30 7.56 -0.73
CA ALA A 30 -23.36 7.49 0.27
C ALA A 30 -23.92 6.09 0.41
N ARG A 31 -24.11 5.62 1.64
CA ARG A 31 -24.66 4.28 1.85
C ARG A 31 -26.14 4.26 1.57
N LEU A 32 -26.61 3.19 0.93
CA LEU A 32 -28.03 3.05 0.63
C LEU A 32 -28.74 2.38 1.80
N GLU A 33 -29.71 3.09 2.37
CA GLU A 33 -30.48 2.60 3.51
C GLU A 33 -31.05 1.21 3.19
N SER A 34 -30.87 0.28 4.12
CA SER A 34 -31.38 -1.08 3.93
C SER A 34 -31.02 -1.99 5.10
N ASP A 35 -31.49 -3.22 5.05
CA ASP A 35 -31.17 -4.16 6.14
C ASP A 35 -29.65 -4.16 6.29
N PRO A 36 -29.16 -4.40 7.51
CA PRO A 36 -27.71 -4.43 7.81
C PRO A 36 -26.93 -5.48 7.01
N ALA A 37 -27.60 -6.56 6.59
CA ALA A 37 -26.96 -7.63 5.85
C ALA A 37 -26.82 -7.31 4.37
N ILE A 38 -27.16 -6.08 4.02
CA ILE A 38 -27.06 -5.60 2.65
C ILE A 38 -26.23 -4.34 2.67
N ARG A 39 -25.01 -4.45 2.16
CA ARG A 39 -24.12 -3.32 2.18
C ARG A 39 -23.91 -2.74 0.77
N ILE A 40 -24.60 -1.64 0.49
CA ILE A 40 -24.48 -1.00 -0.82
C ILE A 40 -24.06 0.45 -0.72
N VAL A 41 -23.25 0.87 -1.69
CA VAL A 41 -22.78 2.25 -1.77
C VAL A 41 -23.23 2.71 -3.13
N VAL A 42 -23.72 3.95 -3.20
CA VAL A 42 -24.24 4.53 -4.45
C VAL A 42 -23.81 5.99 -4.56
N ARG A 43 -23.57 6.46 -5.78
CA ARG A 43 -23.16 7.85 -5.95
C ARG A 43 -24.31 8.80 -5.60
N ARG A 44 -23.98 9.88 -4.89
CA ARG A 44 -24.97 10.88 -4.45
C ARG A 44 -25.60 11.64 -5.60
N ASP A 45 -24.86 11.79 -6.69
CA ASP A 45 -25.34 12.48 -7.87
C ASP A 45 -25.91 11.47 -8.85
N LEU A 46 -26.96 10.77 -8.42
CA LEU A 46 -27.60 9.75 -9.25
C LEU A 46 -28.29 10.39 -10.46
N ASN A 47 -27.99 9.88 -11.66
CA ASN A 47 -28.56 10.38 -12.91
C ASN A 47 -29.32 9.27 -13.62
N LYS A 48 -30.45 8.84 -13.06
CA LYS A 48 -31.21 7.75 -13.66
C LYS A 48 -31.45 7.87 -15.15
N ASN A 49 -31.03 8.98 -15.75
CA ASN A 49 -31.20 9.18 -17.18
C ASN A 49 -30.20 8.31 -17.92
N ASN A 50 -28.92 8.44 -17.56
CA ASN A 50 -27.88 7.64 -18.18
C ASN A 50 -28.00 6.19 -17.71
N VAL A 51 -27.42 5.26 -18.47
CA VAL A 51 -27.47 3.87 -18.06
C VAL A 51 -26.54 3.70 -16.86
N ALA A 52 -27.09 3.15 -15.79
CA ALA A 52 -26.34 2.94 -14.55
C ALA A 52 -25.43 1.71 -14.65
N VAL A 53 -24.17 1.88 -14.25
CA VAL A 53 -23.22 0.78 -14.29
C VAL A 53 -23.00 0.27 -12.86
N ILE A 54 -23.60 -0.88 -12.52
CA ILE A 54 -23.43 -1.46 -11.18
C ILE A 54 -22.36 -2.54 -11.20
N SER A 55 -21.59 -2.61 -10.11
CA SER A 55 -20.54 -3.62 -9.97
C SER A 55 -20.46 -4.05 -8.51
N GLY A 56 -19.64 -5.06 -8.23
CA GLY A 56 -19.52 -5.52 -6.86
C GLY A 56 -18.50 -6.62 -6.65
N GLY A 57 -18.83 -7.54 -5.75
CA GLY A 57 -17.93 -8.64 -5.44
C GLY A 57 -17.62 -8.63 -3.95
N GLY A 58 -16.79 -9.55 -3.48
CA GLY A 58 -16.50 -9.59 -2.06
C GLY A 58 -15.61 -8.46 -1.55
N SER A 59 -15.35 -8.48 -0.26
CA SER A 59 -14.50 -7.46 0.33
C SER A 59 -13.06 -7.97 0.49
N GLY A 60 -12.16 -7.08 0.77
CA GLY A 60 -10.77 -7.42 0.86
C GLY A 60 -10.05 -7.03 -0.42
N HIS A 61 -10.77 -6.43 -1.42
CA HIS A 61 -10.05 -6.01 -2.66
C HIS A 61 -9.75 -4.47 -2.73
N GLU A 62 -9.79 -3.74 -1.65
CA GLU A 62 -9.89 -2.30 -1.52
C GLU A 62 -9.42 -0.96 -1.87
N PRO A 63 -9.17 -0.60 -3.02
CA PRO A 63 -10.42 0.14 -3.19
C PRO A 63 -11.56 -0.53 -3.97
N ALA A 64 -11.28 -1.53 -4.80
CA ALA A 64 -12.38 -2.19 -5.52
C ALA A 64 -13.47 -2.58 -4.52
N HIS A 65 -14.71 -2.13 -4.71
CA HIS A 65 -15.10 -1.30 -5.84
C HIS A 65 -15.67 0.06 -5.44
N VAL A 66 -15.97 0.23 -4.15
CA VAL A 66 -16.50 1.49 -3.65
C VAL A 66 -15.57 2.62 -4.09
N GLY A 67 -14.30 2.25 -4.30
CA GLY A 67 -13.27 3.16 -4.74
C GLY A 67 -13.57 3.79 -6.10
N PHE A 68 -14.08 2.96 -7.04
CA PHE A 68 -14.35 3.49 -8.39
C PHE A 68 -15.79 3.95 -8.64
N ILE A 69 -16.53 4.28 -7.58
CA ILE A 69 -17.90 4.74 -7.72
C ILE A 69 -17.90 6.24 -8.03
N GLY A 70 -18.95 6.76 -8.74
CA GLY A 70 -19.04 8.22 -9.09
C GLY A 70 -18.99 8.59 -10.60
N LYS A 71 -19.12 9.90 -10.93
CA LYS A 71 -19.13 10.42 -12.33
C LYS A 71 -17.97 9.86 -13.16
N GLY A 72 -18.29 9.19 -14.26
CA GLY A 72 -17.24 8.65 -15.11
C GLY A 72 -16.98 7.15 -14.99
N MET A 73 -17.53 6.57 -13.91
CA MET A 73 -17.40 5.14 -13.61
C MET A 73 -18.63 4.61 -12.90
N LEU A 74 -18.39 3.69 -11.98
CA LEU A 74 -19.46 3.02 -11.26
C LEU A 74 -20.52 3.88 -10.60
N THR A 75 -21.76 3.46 -10.77
CA THR A 75 -22.92 4.14 -10.20
C THR A 75 -23.06 3.66 -8.76
N ALA A 76 -22.94 2.35 -8.56
CA ALA A 76 -23.05 1.76 -7.24
C ALA A 76 -22.17 0.51 -7.14
N ALA A 77 -21.89 0.07 -5.92
CA ALA A 77 -21.06 -1.11 -5.70
C ALA A 77 -21.70 -1.97 -4.63
N VAL A 78 -21.83 -3.27 -4.89
CA VAL A 78 -22.46 -4.17 -3.91
C VAL A 78 -21.39 -5.01 -3.20
N CYS A 79 -21.24 -4.77 -1.90
CA CYS A 79 -20.22 -5.45 -1.11
C CYS A 79 -20.67 -6.59 -0.20
N GLY A 80 -20.06 -7.76 -0.41
CA GLY A 80 -20.36 -8.92 0.41
C GLY A 80 -19.26 -9.09 1.43
N ASP A 81 -19.35 -10.14 2.25
CA ASP A 81 -18.32 -10.35 3.28
C ASP A 81 -16.93 -10.46 2.65
N VAL A 82 -15.94 -10.75 3.48
CA VAL A 82 -14.57 -10.86 3.00
C VAL A 82 -14.45 -12.02 2.03
N PHE A 83 -13.98 -11.74 0.83
CA PHE A 83 -13.77 -12.76 -0.19
C PHE A 83 -15.00 -13.62 -0.45
N ALA A 84 -16.16 -13.00 -0.56
CA ALA A 84 -17.39 -13.74 -0.82
C ALA A 84 -18.39 -12.82 -1.47
N SER A 85 -19.02 -13.29 -2.52
CA SER A 85 -20.00 -12.48 -3.25
C SER A 85 -21.16 -12.04 -2.39
N PRO A 86 -21.83 -10.94 -2.78
CA PRO A 86 -22.97 -10.42 -2.03
C PRO A 86 -24.12 -11.40 -2.19
N SER A 87 -25.23 -11.10 -1.52
CA SER A 87 -26.44 -11.92 -1.60
C SER A 87 -27.15 -11.53 -2.89
N VAL A 88 -28.16 -12.30 -3.27
CA VAL A 88 -28.89 -11.94 -4.47
C VAL A 88 -29.72 -10.71 -4.07
N ASP A 89 -30.30 -10.80 -2.87
CA ASP A 89 -31.10 -9.73 -2.25
C ASP A 89 -30.45 -8.37 -2.41
N ALA A 90 -29.14 -8.35 -2.23
CA ALA A 90 -28.39 -7.12 -2.32
C ALA A 90 -28.12 -6.67 -3.74
N VAL A 91 -27.76 -7.59 -4.63
CA VAL A 91 -27.49 -7.14 -5.99
C VAL A 91 -28.78 -6.58 -6.55
N LEU A 92 -29.92 -7.14 -6.13
CA LEU A 92 -31.22 -6.65 -6.62
C LEU A 92 -31.53 -5.28 -6.02
N THR A 93 -31.55 -5.19 -4.70
CA THR A 93 -31.80 -3.92 -4.03
C THR A 93 -30.98 -2.82 -4.69
N ALA A 94 -29.82 -3.16 -5.22
CA ALA A 94 -28.97 -2.18 -5.85
C ALA A 94 -29.50 -1.75 -7.21
N ILE A 95 -29.89 -2.72 -8.03
CA ILE A 95 -30.42 -2.44 -9.36
C ILE A 95 -31.61 -1.50 -9.24
N GLN A 96 -32.59 -1.91 -8.44
CA GLN A 96 -33.78 -1.09 -8.23
C GLN A 96 -33.41 0.31 -7.74
N ALA A 97 -32.76 0.36 -6.58
CA ALA A 97 -32.36 1.61 -6.00
C ALA A 97 -31.77 2.65 -6.95
N VAL A 98 -30.95 2.23 -7.90
CA VAL A 98 -30.32 3.20 -8.81
C VAL A 98 -30.52 3.07 -10.32
N THR A 99 -31.25 2.07 -10.79
CA THR A 99 -31.45 1.91 -12.23
C THR A 99 -32.65 2.69 -12.73
N GLY A 100 -32.42 3.43 -13.83
CA GLY A 100 -33.46 4.21 -14.44
C GLY A 100 -34.11 3.42 -15.56
N GLU A 101 -34.58 4.12 -16.58
CA GLU A 101 -35.24 3.46 -17.70
C GLU A 101 -34.23 3.13 -18.79
N ALA A 102 -33.09 3.81 -18.77
CA ALA A 102 -32.05 3.56 -19.75
C ALA A 102 -31.43 2.18 -19.47
N GLY A 103 -31.72 1.66 -18.28
CA GLY A 103 -31.21 0.35 -17.87
C GLY A 103 -29.96 0.39 -17.01
N CYS A 104 -29.41 -0.79 -16.72
CA CYS A 104 -28.20 -0.90 -15.94
C CYS A 104 -27.36 -2.07 -16.43
N LEU A 105 -26.04 -1.89 -16.36
CA LEU A 105 -25.09 -2.91 -16.79
C LEU A 105 -24.29 -3.45 -15.61
N LEU A 106 -24.52 -4.72 -15.26
CA LEU A 106 -23.78 -5.33 -14.17
C LEU A 106 -22.43 -5.81 -14.72
N ILE A 107 -21.33 -5.37 -14.11
CA ILE A 107 -20.00 -5.80 -14.54
C ILE A 107 -19.50 -6.75 -13.44
N VAL A 108 -19.53 -8.04 -13.71
CA VAL A 108 -19.14 -9.06 -12.74
C VAL A 108 -17.85 -9.83 -13.02
N LYS A 109 -17.07 -10.03 -11.96
CA LYS A 109 -15.78 -10.74 -12.01
C LYS A 109 -16.04 -12.25 -12.12
N ASN A 110 -15.34 -12.91 -13.05
CA ASN A 110 -15.54 -14.33 -13.32
C ASN A 110 -15.25 -15.32 -12.20
N TYR A 111 -16.29 -15.60 -11.42
CA TYR A 111 -16.25 -16.54 -10.28
C TYR A 111 -17.66 -17.08 -10.14
N THR A 112 -17.78 -18.40 -10.02
CA THR A 112 -19.10 -19.02 -9.93
C THR A 112 -20.04 -18.37 -8.91
N GLY A 113 -19.48 -17.86 -7.81
CA GLY A 113 -20.30 -17.22 -6.79
C GLY A 113 -20.95 -15.92 -7.26
N ASP A 114 -20.12 -14.94 -7.63
CA ASP A 114 -20.62 -13.68 -8.11
C ASP A 114 -21.56 -13.90 -9.29
N ARG A 115 -21.15 -14.71 -10.25
CA ARG A 115 -22.00 -14.98 -11.39
C ARG A 115 -23.37 -15.47 -10.96
N LEU A 116 -23.42 -16.58 -10.23
CA LEU A 116 -24.70 -17.10 -9.78
C LEU A 116 -25.56 -16.09 -9.04
N ASN A 117 -24.99 -15.38 -8.07
CA ASN A 117 -25.77 -14.41 -7.30
C ASN A 117 -26.23 -13.18 -8.08
N PHE A 118 -25.30 -12.50 -8.75
CA PHE A 118 -25.64 -11.33 -9.56
C PHE A 118 -26.55 -11.77 -10.69
N GLY A 119 -26.43 -13.02 -11.12
CA GLY A 119 -27.26 -13.53 -12.20
C GLY A 119 -28.73 -13.69 -11.85
N LEU A 120 -29.02 -14.48 -10.81
CA LEU A 120 -30.39 -14.65 -10.41
C LEU A 120 -30.97 -13.26 -10.20
N ALA A 121 -30.15 -12.37 -9.65
CA ALA A 121 -30.56 -10.99 -9.43
C ALA A 121 -31.04 -10.40 -10.74
N ALA A 122 -30.11 -10.19 -11.67
CA ALA A 122 -30.43 -9.65 -13.00
C ALA A 122 -31.72 -10.24 -13.55
N GLU A 123 -32.00 -11.49 -13.23
CA GLU A 123 -33.21 -12.12 -13.72
C GLU A 123 -34.40 -11.55 -12.97
N LYS A 124 -34.44 -11.71 -11.65
CA LYS A 124 -35.55 -11.17 -10.86
C LYS A 124 -35.75 -9.68 -11.18
N ALA A 125 -34.72 -9.03 -11.71
CA ALA A 125 -34.81 -7.63 -12.06
C ALA A 125 -35.50 -7.45 -13.41
N ARG A 126 -35.10 -8.25 -14.39
CA ARG A 126 -35.70 -8.19 -15.73
C ARG A 126 -37.20 -8.27 -15.59
N ARG A 127 -37.63 -9.19 -14.73
CA ARG A 127 -39.03 -9.45 -14.44
C ARG A 127 -39.78 -8.26 -13.83
N LEU A 128 -39.07 -7.29 -13.29
CA LEU A 128 -39.75 -6.14 -12.71
C LEU A 128 -39.70 -4.97 -13.70
N GLY A 129 -39.36 -5.29 -14.94
CA GLY A 129 -39.31 -4.29 -15.97
C GLY A 129 -37.97 -3.64 -16.16
N TYR A 130 -37.08 -3.81 -15.19
CA TYR A 130 -35.75 -3.20 -15.31
C TYR A 130 -34.94 -3.81 -16.45
N ASN A 131 -34.48 -2.96 -17.37
CA ASN A 131 -33.67 -3.43 -18.49
C ASN A 131 -32.28 -3.71 -17.99
N VAL A 132 -32.01 -4.98 -17.68
CA VAL A 132 -30.72 -5.40 -17.13
C VAL A 132 -29.76 -6.08 -18.12
N GLU A 133 -28.46 -5.90 -17.89
CA GLU A 133 -27.40 -6.51 -18.70
C GLU A 133 -26.18 -6.86 -17.84
N MET A 134 -25.65 -8.07 -18.05
CA MET A 134 -24.51 -8.54 -17.26
C MET A 134 -23.28 -8.89 -18.09
N LEU A 135 -22.13 -8.33 -17.71
CA LEU A 135 -20.88 -8.62 -18.42
C LEU A 135 -19.85 -9.28 -17.51
N ILE A 136 -19.58 -10.55 -17.79
CA ILE A 136 -18.61 -11.29 -17.00
C ILE A 136 -17.21 -10.96 -17.49
N VAL A 137 -16.34 -10.57 -16.56
CA VAL A 137 -14.97 -10.23 -16.94
C VAL A 137 -13.99 -11.29 -16.48
N GLY A 138 -13.15 -11.74 -17.41
CA GLY A 138 -12.13 -12.74 -17.16
C GLY A 138 -10.89 -12.31 -17.91
N ASP A 139 -9.90 -11.77 -17.19
CA ASP A 139 -8.70 -11.30 -17.82
C ASP A 139 -7.44 -12.05 -17.42
N ASP A 140 -7.55 -12.89 -16.40
CA ASP A 140 -6.40 -13.65 -15.94
C ASP A 140 -5.96 -14.61 -17.05
N ILE A 141 -4.68 -14.63 -17.34
CA ILE A 141 -4.16 -15.52 -18.38
C ILE A 141 -3.22 -16.54 -17.75
N SER A 142 -3.23 -16.59 -16.43
CA SER A 142 -2.38 -17.48 -15.68
C SER A 142 -2.70 -18.96 -15.75
N LEU A 143 -3.88 -19.34 -16.21
CA LEU A 143 -4.26 -20.75 -16.27
C LEU A 143 -5.03 -21.05 -17.54
N PRO A 144 -4.37 -20.93 -18.70
CA PRO A 144 -5.02 -21.18 -20.00
C PRO A 144 -5.76 -22.49 -20.09
N ASP A 145 -5.37 -23.47 -19.28
CA ASP A 145 -6.03 -24.78 -19.31
C ASP A 145 -7.37 -24.79 -18.61
N ASN A 146 -7.75 -23.66 -18.00
CA ASN A 146 -9.03 -23.59 -17.31
C ASN A 146 -10.15 -22.87 -18.04
N LYS A 147 -11.28 -23.57 -18.09
CA LYS A 147 -12.51 -23.14 -18.74
C LYS A 147 -12.87 -21.68 -18.50
N HIS A 148 -12.92 -21.29 -17.22
CA HIS A 148 -13.30 -19.92 -16.83
C HIS A 148 -12.21 -19.03 -16.23
N PRO A 149 -11.64 -18.13 -17.04
CA PRO A 149 -10.59 -17.21 -16.61
C PRO A 149 -11.04 -16.37 -15.43
N ARG A 150 -10.26 -16.38 -14.37
CA ARG A 150 -10.59 -15.61 -13.18
C ARG A 150 -10.58 -14.12 -13.53
N GLY A 151 -11.42 -13.36 -12.82
CA GLY A 151 -11.51 -11.92 -13.01
C GLY A 151 -10.64 -11.19 -11.99
N ILE A 152 -9.82 -10.27 -12.46
CA ILE A 152 -8.92 -9.56 -11.56
C ILE A 152 -8.61 -8.13 -12.02
N ALA A 153 -7.60 -7.54 -11.40
CA ALA A 153 -7.12 -6.16 -11.67
C ALA A 153 -7.70 -5.46 -12.92
N GLY A 154 -7.68 -6.11 -14.09
CA GLY A 154 -8.19 -5.51 -15.31
C GLY A 154 -9.64 -5.05 -15.23
N THR A 155 -10.42 -5.72 -14.39
CA THR A 155 -11.83 -5.39 -14.26
C THR A 155 -12.06 -3.88 -14.24
N ILE A 156 -11.33 -3.16 -13.38
CA ILE A 156 -11.55 -1.73 -13.30
C ILE A 156 -11.40 -1.00 -14.63
N LEU A 157 -10.54 -1.48 -15.53
CA LEU A 157 -10.43 -0.81 -16.82
C LEU A 157 -11.76 -0.97 -17.55
N VAL A 158 -12.35 -2.16 -17.46
CA VAL A 158 -13.63 -2.39 -18.09
C VAL A 158 -14.63 -1.35 -17.58
N HIS A 159 -14.46 -0.92 -16.33
CA HIS A 159 -15.36 0.08 -15.72
C HIS A 159 -15.13 1.43 -16.39
N LYS A 160 -13.87 1.83 -16.46
CA LYS A 160 -13.48 3.11 -17.05
C LYS A 160 -14.18 3.30 -18.39
N ILE A 161 -14.20 2.26 -19.20
CA ILE A 161 -14.83 2.31 -20.51
C ILE A 161 -16.34 2.38 -20.37
N ALA A 162 -16.92 1.38 -19.72
CA ALA A 162 -18.37 1.34 -19.52
C ALA A 162 -18.86 2.66 -18.96
N GLY A 163 -18.16 3.17 -17.96
CA GLY A 163 -18.55 4.43 -17.34
C GLY A 163 -18.55 5.59 -18.32
N TYR A 164 -17.55 5.60 -19.20
CA TYR A 164 -17.40 6.65 -20.20
C TYR A 164 -18.71 6.82 -20.93
N PHE A 165 -19.06 5.82 -21.73
CA PHE A 165 -20.27 5.84 -22.51
C PHE A 165 -21.52 6.05 -21.66
N ALA A 166 -21.54 5.53 -20.44
CA ALA A 166 -22.70 5.70 -19.56
C ALA A 166 -23.02 7.17 -19.33
N GLU A 167 -22.03 7.95 -18.89
CA GLU A 167 -22.20 9.37 -18.62
C GLU A 167 -22.55 10.19 -19.85
N ARG A 168 -21.97 9.81 -21.00
CA ARG A 168 -22.21 10.52 -22.25
C ARG A 168 -23.69 10.43 -22.65
N GLY A 169 -24.40 9.50 -22.01
CA GLY A 169 -25.82 9.33 -22.28
C GLY A 169 -26.19 8.25 -23.28
N TYR A 170 -25.25 7.38 -23.58
CA TYR A 170 -25.50 6.31 -24.55
C TYR A 170 -26.47 5.25 -24.06
N ASN A 171 -27.04 4.54 -25.03
CA ASN A 171 -28.00 3.48 -24.80
C ASN A 171 -27.34 2.27 -24.14
N LEU A 172 -28.07 1.60 -23.27
CA LEU A 172 -27.56 0.42 -22.58
C LEU A 172 -26.83 -0.52 -23.50
N ALA A 173 -27.48 -0.89 -24.60
CA ALA A 173 -26.89 -1.80 -25.57
C ALA A 173 -25.56 -1.31 -26.13
N THR A 174 -25.33 0.00 -26.10
CA THR A 174 -24.08 0.55 -26.62
C THR A 174 -23.01 0.46 -25.55
N VAL A 175 -23.44 0.57 -24.29
CA VAL A 175 -22.51 0.48 -23.16
C VAL A 175 -21.94 -0.92 -23.18
N LEU A 176 -22.82 -1.91 -23.03
CA LEU A 176 -22.42 -3.31 -23.02
C LEU A 176 -21.43 -3.62 -24.13
N ARG A 177 -21.82 -3.29 -25.36
CA ARG A 177 -20.99 -3.54 -26.52
C ARG A 177 -19.58 -3.01 -26.30
N GLU A 178 -19.47 -1.71 -26.06
CA GLU A 178 -18.17 -1.08 -25.83
C GLU A 178 -17.45 -1.65 -24.60
N ALA A 179 -18.24 -2.06 -23.61
CA ALA A 179 -17.70 -2.65 -22.37
C ALA A 179 -17.00 -3.97 -22.69
N GLN A 180 -17.72 -4.86 -23.37
CA GLN A 180 -17.14 -6.14 -23.72
C GLN A 180 -15.92 -5.95 -24.58
N TYR A 181 -15.96 -4.98 -25.48
CA TYR A 181 -14.83 -4.72 -26.37
C TYR A 181 -13.53 -4.56 -25.57
N ALA A 182 -13.54 -3.64 -24.62
CA ALA A 182 -12.39 -3.41 -23.78
C ALA A 182 -11.98 -4.72 -23.10
N ALA A 183 -12.95 -5.34 -22.43
CA ALA A 183 -12.71 -6.58 -21.72
C ALA A 183 -11.89 -7.55 -22.56
N SER A 184 -12.35 -7.83 -23.77
CA SER A 184 -11.66 -8.77 -24.65
C SER A 184 -10.31 -8.28 -25.16
N ASN A 185 -9.93 -7.07 -24.76
CA ASN A 185 -8.65 -6.51 -25.14
C ASN A 185 -7.83 -6.27 -23.87
N THR A 186 -8.24 -6.95 -22.80
CA THR A 186 -7.58 -6.83 -21.51
C THR A 186 -6.95 -8.17 -21.09
N PHE A 187 -5.70 -8.10 -20.64
CA PHE A 187 -4.97 -9.28 -20.22
C PHE A 187 -4.20 -9.00 -18.91
N SER A 188 -4.51 -9.77 -17.87
CA SER A 188 -3.83 -9.59 -16.58
C SER A 188 -3.09 -10.84 -16.10
N LEU A 189 -2.00 -10.61 -15.37
CA LEU A 189 -1.20 -11.70 -14.81
C LEU A 189 -0.63 -11.24 -13.50
N GLY A 190 -0.79 -12.05 -12.45
CA GLY A 190 -0.28 -11.68 -11.13
C GLY A 190 0.75 -12.63 -10.52
N VAL A 191 1.49 -12.13 -9.53
CA VAL A 191 2.51 -12.94 -8.87
C VAL A 191 2.52 -12.61 -7.38
N ALA A 192 2.89 -13.56 -6.53
CA ALA A 192 2.90 -13.26 -5.12
C ALA A 192 3.94 -14.08 -4.35
N LEU A 193 4.55 -13.45 -3.36
CA LEU A 193 5.55 -14.13 -2.57
C LEU A 193 4.89 -14.90 -1.46
N SER A 194 3.77 -14.36 -0.95
CA SER A 194 3.02 -15.00 0.13
C SER A 194 1.58 -14.52 0.09
N SER A 195 0.65 -15.38 0.48
CA SER A 195 -0.76 -15.01 0.49
C SER A 195 -1.02 -13.91 1.48
N CYS A 196 -2.30 -13.69 1.75
CA CYS A 196 -2.73 -12.61 2.65
C CYS A 196 -3.22 -13.13 3.99
N HIS A 197 -3.24 -12.25 4.98
CA HIS A 197 -3.73 -12.61 6.30
C HIS A 197 -5.24 -12.39 6.32
N LEU A 198 -5.98 -13.24 7.02
CA LEU A 198 -7.44 -13.08 7.10
C LEU A 198 -7.92 -12.58 8.46
N PRO A 199 -9.18 -12.09 8.54
CA PRO A 199 -9.75 -11.59 9.79
C PRO A 199 -10.31 -12.70 10.67
N GLN A 200 -9.50 -13.74 10.89
CA GLN A 200 -9.93 -14.85 11.72
C GLN A 200 -8.73 -15.68 12.09
N GLU A 201 -8.84 -16.40 13.21
CA GLU A 201 -7.76 -17.26 13.66
C GLU A 201 -7.69 -18.45 12.70
N THR A 202 -6.48 -18.80 12.27
CA THR A 202 -6.32 -19.92 11.35
C THR A 202 -5.17 -20.84 11.76
N ASP A 203 -5.18 -22.06 11.22
CA ASP A 203 -4.15 -23.06 11.50
C ASP A 203 -2.72 -22.48 11.42
N ALA A 204 -2.20 -22.36 10.20
CA ALA A 204 -0.85 -21.82 10.01
C ALA A 204 -0.81 -20.57 9.10
N ALA A 205 0.37 -19.97 9.02
CA ALA A 205 0.60 -18.79 8.21
C ALA A 205 0.04 -18.93 6.80
N PRO A 206 0.05 -17.84 6.03
CA PRO A 206 -0.46 -17.79 4.64
C PRO A 206 0.42 -18.61 3.70
N ARG A 207 -0.15 -19.12 2.62
CA ARG A 207 0.65 -19.91 1.69
C ARG A 207 1.91 -19.13 1.43
N HIS A 208 3.02 -19.83 1.31
CA HIS A 208 4.30 -19.20 1.11
C HIS A 208 5.30 -20.21 0.56
N HIS A 209 6.11 -19.77 -0.39
CA HIS A 209 7.14 -20.61 -0.97
C HIS A 209 8.50 -20.02 -0.81
N PRO A 210 9.23 -20.47 0.26
CA PRO A 210 10.53 -19.89 0.60
C PRO A 210 11.45 -19.70 -0.60
N GLY A 211 11.83 -18.44 -0.82
CA GLY A 211 12.75 -18.08 -1.90
C GLY A 211 12.04 -18.09 -3.26
N HIS A 212 10.87 -18.69 -3.35
CA HIS A 212 10.18 -18.75 -4.61
C HIS A 212 8.96 -17.83 -4.65
N ALA A 213 8.30 -17.78 -5.80
CA ALA A 213 7.14 -16.94 -5.99
C ALA A 213 6.10 -17.68 -6.78
N GLU A 214 4.86 -17.58 -6.30
CA GLU A 214 3.71 -18.23 -6.92
C GLU A 214 3.11 -17.35 -8.00
N LEU A 215 2.95 -17.86 -9.20
CA LEU A 215 2.41 -17.11 -10.32
C LEU A 215 0.92 -17.39 -10.50
N GLY A 216 0.13 -16.34 -10.62
CA GLY A 216 -1.30 -16.50 -10.83
C GLY A 216 -2.09 -16.84 -9.58
N MET A 217 -1.61 -16.36 -8.43
CA MET A 217 -2.30 -16.55 -7.18
C MET A 217 -3.56 -15.69 -7.22
N GLY A 218 -4.70 -16.33 -7.00
CA GLY A 218 -5.98 -15.66 -7.11
C GLY A 218 -6.17 -14.53 -6.11
N ILE A 219 -7.04 -13.59 -6.44
CA ILE A 219 -7.22 -12.50 -5.46
C ILE A 219 -7.85 -13.05 -4.13
N HIS A 220 -8.70 -14.11 -4.19
CA HIS A 220 -9.30 -14.76 -2.99
C HIS A 220 -8.22 -15.58 -2.23
N GLY A 221 -7.04 -15.74 -2.81
CA GLY A 221 -5.95 -16.51 -2.25
C GLY A 221 -5.81 -17.86 -2.93
N GLU A 222 -6.68 -18.08 -3.92
CA GLU A 222 -6.63 -19.29 -4.63
C GLU A 222 -5.17 -19.65 -4.97
N PRO A 223 -5.04 -20.95 -5.14
CA PRO A 223 -3.78 -21.50 -5.68
C PRO A 223 -3.52 -20.96 -7.13
N GLY A 224 -2.29 -20.54 -7.44
CA GLY A 224 -1.98 -20.02 -8.79
C GLY A 224 -1.74 -21.14 -9.82
N ALA A 225 -0.91 -20.88 -10.81
CA ALA A 225 -0.59 -21.86 -11.84
C ALA A 225 0.72 -22.57 -11.52
N SER A 226 1.81 -21.85 -11.70
CA SER A 226 3.14 -22.39 -11.49
C SER A 226 3.83 -21.77 -10.28
N VAL A 227 5.11 -22.07 -10.12
CA VAL A 227 5.94 -21.52 -9.03
C VAL A 227 7.31 -21.23 -9.64
N ILE A 228 7.70 -19.95 -9.61
CA ILE A 228 8.99 -19.53 -10.15
C ILE A 228 10.08 -19.82 -9.14
N ASP A 229 11.20 -20.37 -9.62
CA ASP A 229 12.32 -20.73 -8.75
C ASP A 229 13.14 -19.57 -8.20
N THR A 230 12.60 -18.36 -8.26
CA THR A 230 13.31 -17.21 -7.73
C THR A 230 12.37 -16.11 -7.28
N GLN A 231 12.93 -15.07 -6.67
CA GLN A 231 12.15 -13.95 -6.19
C GLN A 231 12.67 -12.70 -6.88
N ASN A 232 13.64 -12.90 -7.76
CA ASN A 232 14.32 -11.84 -8.50
C ASN A 232 13.40 -10.95 -9.35
N SER A 233 13.36 -9.67 -9.00
CA SER A 233 12.52 -8.71 -9.69
C SER A 233 12.62 -8.81 -11.21
N ALA A 234 13.80 -8.52 -11.76
CA ALA A 234 13.98 -8.58 -13.20
C ALA A 234 13.47 -9.88 -13.81
N GLN A 235 14.01 -11.00 -13.35
CA GLN A 235 13.60 -12.31 -13.86
C GLN A 235 12.07 -12.45 -13.83
N VAL A 236 11.50 -12.39 -12.63
CA VAL A 236 10.06 -12.53 -12.47
C VAL A 236 9.24 -11.60 -13.38
N VAL A 237 9.60 -10.32 -13.46
CA VAL A 237 8.83 -9.42 -14.32
C VAL A 237 8.94 -9.82 -15.78
N ASN A 238 10.15 -10.15 -16.23
CA ASN A 238 10.34 -10.54 -17.61
C ASN A 238 9.45 -11.72 -17.97
N LEU A 239 9.55 -12.80 -17.20
CA LEU A 239 8.72 -13.98 -17.43
C LEU A 239 7.25 -13.59 -17.64
N MET A 240 6.73 -12.76 -16.73
CA MET A 240 5.35 -12.31 -16.81
C MET A 240 5.12 -11.61 -18.14
N VAL A 241 6.06 -10.76 -18.53
CA VAL A 241 5.92 -10.05 -19.79
C VAL A 241 5.79 -11.04 -20.95
N ASP A 242 6.64 -12.06 -20.99
CA ASP A 242 6.56 -13.02 -22.08
C ASP A 242 5.15 -13.55 -22.21
N LYS A 243 4.66 -14.15 -21.12
CA LYS A 243 3.33 -14.74 -21.07
C LYS A 243 2.27 -13.72 -21.43
N LEU A 244 2.60 -12.45 -21.21
CA LEU A 244 1.67 -11.37 -21.55
C LEU A 244 1.73 -11.09 -23.04
N LEU A 245 2.95 -10.99 -23.56
CA LEU A 245 3.16 -10.74 -24.99
C LEU A 245 2.62 -11.90 -25.79
N ALA A 246 2.69 -13.08 -25.21
CA ALA A 246 2.22 -14.31 -25.84
C ALA A 246 0.71 -14.28 -26.10
N ALA A 247 -0.01 -13.43 -25.39
CA ALA A 247 -1.46 -13.38 -25.58
C ALA A 247 -1.96 -12.04 -26.07
N LEU A 248 -1.03 -11.16 -26.42
CA LEU A 248 -1.37 -9.84 -26.93
C LEU A 248 -1.08 -9.76 -28.42
N PRO A 249 -1.83 -8.95 -29.16
CA PRO A 249 -1.58 -8.83 -30.61
C PRO A 249 -0.07 -8.65 -30.86
N GLU A 250 0.40 -9.03 -32.05
CA GLU A 250 1.82 -8.88 -32.37
C GLU A 250 2.11 -7.38 -32.56
N THR A 251 1.06 -6.59 -32.74
CA THR A 251 1.20 -5.15 -32.90
C THR A 251 0.01 -4.43 -32.29
N GLY A 252 0.29 -3.23 -31.77
CA GLY A 252 -0.73 -2.42 -31.14
C GLY A 252 -0.23 -1.68 -29.91
N ARG A 253 -0.59 -0.40 -29.80
CA ARG A 253 -0.20 0.41 -28.66
C ARG A 253 -1.02 -0.07 -27.48
N LEU A 254 -0.56 0.23 -26.29
CA LEU A 254 -1.29 -0.20 -25.11
C LEU A 254 -0.87 0.52 -23.84
N ALA A 255 -1.76 0.43 -22.86
CA ALA A 255 -1.56 1.03 -21.56
C ALA A 255 -1.35 -0.17 -20.65
N VAL A 256 -0.45 -0.04 -19.68
CA VAL A 256 -0.17 -1.12 -18.75
C VAL A 256 -0.45 -0.65 -17.33
N MET A 257 -1.19 -1.46 -16.58
CA MET A 257 -1.52 -1.11 -15.22
C MET A 257 -0.81 -1.99 -14.20
N ILE A 258 0.07 -1.35 -13.40
CA ILE A 258 0.82 -2.02 -12.37
C ILE A 258 0.07 -1.94 -11.04
N ASN A 259 -0.53 -3.06 -10.64
CA ASN A 259 -1.32 -3.16 -9.42
C ASN A 259 -0.62 -3.78 -8.21
N ASN A 260 -0.73 -3.12 -7.04
CA ASN A 260 -0.12 -3.64 -5.80
C ASN A 260 -1.19 -4.48 -5.10
N LEU A 261 -0.99 -5.79 -4.99
CA LEU A 261 -1.99 -6.66 -4.36
C LEU A 261 -2.27 -6.36 -2.90
N GLY A 262 -1.50 -5.44 -2.31
CA GLY A 262 -1.75 -5.05 -0.93
C GLY A 262 -0.58 -5.05 0.03
N GLY A 263 0.35 -5.99 -0.16
CA GLY A 263 1.49 -6.10 0.74
C GLY A 263 2.89 -5.89 0.20
N VAL A 264 3.04 -5.27 -0.97
CA VAL A 264 4.36 -5.02 -1.52
C VAL A 264 4.79 -3.63 -1.09
N SER A 265 6.05 -3.46 -0.73
CA SER A 265 6.53 -2.15 -0.31
C SER A 265 6.54 -1.19 -1.49
N VAL A 266 6.33 0.09 -1.20
CA VAL A 266 6.33 1.10 -2.25
C VAL A 266 7.65 1.00 -3.01
N ALA A 267 8.72 0.75 -2.28
CA ALA A 267 10.04 0.62 -2.89
C ALA A 267 10.05 -0.51 -3.90
N GLU A 268 9.58 -1.67 -3.46
CA GLU A 268 9.56 -2.84 -4.31
C GLU A 268 8.73 -2.51 -5.55
N MET A 269 7.54 -1.98 -5.31
CA MET A 269 6.64 -1.61 -6.41
C MET A 269 7.36 -0.75 -7.44
N ALA A 270 8.24 0.11 -6.96
CA ALA A 270 9.01 0.98 -7.84
C ALA A 270 10.01 0.21 -8.69
N ILE A 271 10.74 -0.72 -8.08
CA ILE A 271 11.71 -1.52 -8.82
C ILE A 271 10.96 -2.25 -9.93
N ILE A 272 9.87 -2.88 -9.55
CA ILE A 272 9.06 -3.61 -10.50
C ILE A 272 8.67 -2.71 -11.65
N THR A 273 8.57 -1.41 -11.40
CA THR A 273 8.19 -0.50 -12.46
C THR A 273 9.40 -0.30 -13.34
N ARG A 274 10.57 -0.25 -12.74
CA ARG A 274 11.80 -0.07 -13.50
C ARG A 274 12.06 -1.31 -14.33
N GLU A 275 11.68 -2.47 -13.78
CA GLU A 275 11.85 -3.75 -14.46
C GLU A 275 11.00 -3.78 -15.72
N LEU A 276 9.71 -3.48 -15.59
CA LEU A 276 8.79 -3.47 -16.73
C LEU A 276 9.17 -2.38 -17.73
N ALA A 277 9.81 -1.32 -17.26
CA ALA A 277 10.21 -0.25 -18.16
C ALA A 277 11.28 -0.76 -19.13
N SER A 278 12.22 -1.56 -18.61
CA SER A 278 13.30 -2.15 -19.39
C SER A 278 12.84 -3.48 -19.98
N SER A 279 11.54 -3.73 -19.89
CA SER A 279 10.96 -4.95 -20.39
C SER A 279 10.77 -4.94 -21.89
N PRO A 280 10.81 -6.12 -22.52
CA PRO A 280 10.62 -6.22 -23.96
C PRO A 280 9.27 -5.61 -24.34
N LEU A 281 8.51 -5.19 -23.33
CA LEU A 281 7.19 -4.62 -23.53
C LEU A 281 7.17 -3.10 -23.67
N HIS A 282 8.25 -2.46 -23.26
CA HIS A 282 8.39 -1.00 -23.30
C HIS A 282 7.96 -0.29 -24.60
N SER A 283 8.60 -0.69 -25.71
CA SER A 283 8.37 -0.14 -27.04
C SER A 283 6.94 -0.07 -27.56
N ARG A 284 5.97 -0.43 -26.72
CA ARG A 284 4.58 -0.38 -27.13
C ARG A 284 3.69 0.28 -26.05
N ILE A 285 4.32 0.77 -25.00
CA ILE A 285 3.60 1.39 -23.91
C ILE A 285 3.52 2.91 -24.04
N ASP A 286 2.32 3.43 -24.25
CA ASP A 286 2.13 4.87 -24.36
C ASP A 286 1.61 5.41 -23.03
N TRP A 287 1.27 4.48 -22.14
CA TRP A 287 0.72 4.86 -20.84
C TRP A 287 0.99 3.88 -19.69
N LEU A 288 1.06 4.42 -18.47
CA LEU A 288 1.26 3.63 -17.26
C LEU A 288 0.17 3.97 -16.30
N ILE A 289 -0.41 2.96 -15.69
CA ILE A 289 -1.45 3.17 -14.70
C ILE A 289 -0.96 2.47 -13.43
N GLY A 290 -0.25 3.22 -12.59
CA GLY A 290 0.28 2.66 -11.36
C GLY A 290 1.72 3.10 -11.24
N PRO A 291 2.52 2.57 -10.29
CA PRO A 291 2.14 1.56 -9.29
C PRO A 291 1.07 2.14 -8.39
N ALA A 292 0.18 1.27 -7.91
CA ALA A 292 -0.88 1.69 -7.03
C ALA A 292 -1.69 0.48 -6.61
N SER A 293 -2.37 0.58 -5.48
CA SER A 293 -3.20 -0.54 -5.04
C SER A 293 -4.57 -0.23 -5.61
N LEU A 294 -4.95 -0.94 -6.65
CA LEU A 294 -6.23 -0.70 -7.28
C LEU A 294 -7.19 -1.85 -7.01
N VAL A 295 -6.75 -3.09 -7.24
CA VAL A 295 -7.62 -4.22 -6.93
C VAL A 295 -6.74 -5.16 -6.14
N THR A 296 -6.80 -5.03 -4.82
CA THR A 296 -5.95 -5.85 -3.96
C THR A 296 -6.59 -7.11 -3.43
N ALA A 297 -5.80 -7.84 -2.66
CA ALA A 297 -6.21 -9.06 -1.99
C ALA A 297 -5.67 -8.90 -0.54
N LEU A 298 -6.35 -8.07 0.23
CA LEU A 298 -5.91 -7.82 1.58
C LEU A 298 -4.43 -7.42 1.57
N ASP A 299 -3.58 -8.08 2.35
CA ASP A 299 -2.17 -7.68 2.36
C ASP A 299 -1.22 -8.59 1.55
N MET A 300 -1.78 -9.37 0.65
CA MET A 300 -1.01 -10.26 -0.20
C MET A 300 0.23 -9.57 -0.77
N LYS A 301 1.40 -10.17 -0.56
CA LYS A 301 2.62 -9.59 -1.08
C LYS A 301 2.79 -10.02 -2.54
N GLY A 302 2.10 -9.35 -3.43
CA GLY A 302 2.18 -9.67 -4.84
C GLY A 302 1.74 -8.45 -5.63
N PHE A 303 2.04 -8.44 -6.92
CA PHE A 303 1.65 -7.33 -7.77
C PHE A 303 1.08 -7.95 -9.03
N SER A 304 0.40 -7.15 -9.84
CA SER A 304 -0.17 -7.66 -11.08
C SER A 304 0.18 -6.73 -12.24
N LEU A 305 0.06 -7.25 -13.45
CA LEU A 305 0.32 -6.49 -14.65
C LEU A 305 -0.88 -6.72 -15.56
N THR A 306 -1.50 -5.61 -15.98
CA THR A 306 -2.66 -5.69 -16.86
C THR A 306 -2.34 -4.87 -18.09
N ALA A 307 -2.52 -5.50 -19.23
CA ALA A 307 -2.28 -4.84 -20.50
C ALA A 307 -3.62 -4.68 -21.20
N ILE A 308 -3.82 -3.54 -21.84
CA ILE A 308 -5.05 -3.28 -22.58
C ILE A 308 -4.68 -2.65 -23.92
N VAL A 309 -5.21 -3.22 -25.02
CA VAL A 309 -4.93 -2.72 -26.36
C VAL A 309 -5.68 -1.43 -26.62
N LEU A 310 -4.99 -0.45 -27.19
CA LEU A 310 -5.60 0.85 -27.44
C LEU A 310 -6.43 1.02 -28.72
N GLU A 311 -6.64 -0.06 -29.48
CA GLU A 311 -7.44 0.03 -30.71
C GLU A 311 -8.68 0.90 -30.46
N GLU A 312 -8.98 1.79 -31.40
CA GLU A 312 -10.14 2.67 -31.34
C GLU A 312 -10.41 3.42 -30.02
N SER A 313 -11.70 3.54 -29.73
CA SER A 313 -12.27 4.22 -28.57
C SER A 313 -11.62 4.01 -27.21
N ILE A 314 -11.18 2.79 -26.91
CA ILE A 314 -10.57 2.47 -25.62
C ILE A 314 -9.70 3.59 -25.01
N GLU A 315 -8.61 3.94 -25.68
CA GLU A 315 -7.73 4.99 -25.15
C GLU A 315 -8.44 6.29 -24.81
N LYS A 316 -9.33 6.74 -25.71
CA LYS A 316 -10.07 7.97 -25.50
C LYS A 316 -10.72 7.95 -24.14
N ALA A 317 -11.40 6.85 -23.82
CA ALA A 317 -12.09 6.69 -22.55
C ALA A 317 -11.16 6.50 -21.35
N LEU A 318 -10.03 5.82 -21.55
CA LEU A 318 -9.12 5.64 -20.45
C LEU A 318 -8.80 7.02 -19.91
N LEU A 319 -8.03 7.79 -20.68
CA LEU A 319 -7.59 9.15 -20.36
C LEU A 319 -8.61 10.17 -19.84
N THR A 320 -9.89 10.00 -20.18
CA THR A 320 -10.92 10.92 -19.70
C THR A 320 -10.89 10.95 -18.17
N GLU A 321 -10.82 12.15 -17.60
CA GLU A 321 -10.79 12.25 -16.14
C GLU A 321 -12.17 11.89 -15.59
N VAL A 322 -12.19 11.38 -14.36
CA VAL A 322 -13.45 11.01 -13.70
C VAL A 322 -13.49 11.51 -12.25
N GLU A 323 -14.62 11.34 -11.59
CA GLU A 323 -14.77 11.79 -10.20
C GLU A 323 -14.92 10.62 -9.24
N THR A 324 -13.89 9.78 -9.16
CA THR A 324 -13.90 8.63 -8.26
C THR A 324 -13.02 8.90 -7.07
N SER A 325 -12.91 7.90 -6.20
CA SER A 325 -12.11 8.02 -5.00
C SER A 325 -10.65 7.61 -5.23
N ASN A 326 -10.41 6.43 -5.80
CA ASN A 326 -9.04 5.95 -6.01
C ASN A 326 -8.56 5.74 -7.46
N TRP A 327 -9.34 6.13 -8.46
CA TRP A 327 -8.89 5.93 -9.83
C TRP A 327 -7.65 6.77 -10.14
N PRO A 328 -6.57 6.11 -10.57
CA PRO A 328 -5.30 6.76 -10.91
C PRO A 328 -5.39 7.43 -12.28
N THR A 329 -4.52 8.40 -12.55
CA THR A 329 -4.55 9.09 -13.84
C THR A 329 -3.36 8.68 -14.71
N PRO A 330 -3.62 7.89 -15.76
CA PRO A 330 -2.62 7.40 -16.70
C PRO A 330 -1.50 8.39 -16.94
N VAL A 331 -0.29 7.86 -16.94
CA VAL A 331 0.91 8.68 -17.12
C VAL A 331 1.90 7.98 -18.04
N PRO A 332 2.31 8.66 -19.11
CA PRO A 332 3.27 8.07 -20.04
C PRO A 332 4.61 7.79 -19.34
N PRO A 333 5.19 6.60 -19.58
CA PRO A 333 6.47 6.21 -18.97
C PRO A 333 7.48 7.33 -19.19
N ARG A 334 7.85 8.02 -18.12
CA ARG A 334 8.82 9.10 -18.23
C ARG A 334 10.20 8.52 -18.50
N GLU A 335 11.08 9.38 -18.99
CA GLU A 335 12.45 9.01 -19.31
C GLU A 335 13.42 9.61 -18.26
N ILE A 336 14.20 8.76 -17.60
CA ILE A 336 15.13 9.28 -16.59
C ILE A 336 16.12 10.23 -17.25
N THR A 337 16.25 11.41 -16.66
CA THR A 337 17.16 12.42 -17.19
C THR A 337 18.21 12.80 -16.15
N CYS A 338 19.41 13.11 -16.63
CA CYS A 338 20.50 13.51 -15.76
C CYS A 338 20.82 15.00 -15.81
N VAL A 339 20.41 15.72 -14.78
CA VAL A 339 20.67 17.15 -14.66
C VAL A 339 22.09 17.26 -14.12
N VAL A 340 22.84 18.25 -14.61
CA VAL A 340 24.21 18.45 -14.17
C VAL A 340 24.36 19.76 -13.40
N SER A 341 25.38 19.82 -12.56
CA SER A 341 25.63 21.01 -11.75
C SER A 341 27.07 21.47 -11.87
N SER A 342 27.28 22.73 -11.51
CA SER A 342 28.61 23.30 -11.52
C SER A 342 29.14 22.98 -10.10
N HIS A 343 29.54 21.73 -9.89
CA HIS A 343 30.02 21.24 -8.60
C HIS A 343 31.48 21.49 -8.26
N ALA A 344 31.68 22.54 -7.47
CA ALA A 344 32.99 22.96 -7.00
C ALA A 344 33.62 21.96 -6.02
N SER A 345 34.86 21.56 -6.29
CA SER A 345 35.56 20.64 -5.41
C SER A 345 35.68 21.26 -4.01
N ALA A 346 35.54 20.44 -2.98
CA ALA A 346 35.62 20.90 -1.60
C ALA A 346 37.05 20.79 -1.08
N ARG A 347 37.83 19.87 -1.66
CA ARG A 347 39.22 19.67 -1.25
C ARG A 347 39.91 20.96 -0.87
N VAL A 348 40.06 21.16 0.44
CA VAL A 348 40.69 22.35 1.00
C VAL A 348 42.08 22.57 0.44
N GLU A 349 42.34 23.80 0.00
CA GLU A 349 43.64 24.17 -0.54
C GLU A 349 44.49 24.71 0.60
N PHE A 350 45.81 24.50 0.51
CA PHE A 350 46.72 24.98 1.53
C PHE A 350 48.15 25.00 1.01
N GLN A 351 48.96 25.88 1.57
CA GLN A 351 50.35 25.97 1.19
C GLN A 351 51.17 25.72 2.45
N PRO A 352 52.00 24.67 2.45
CA PRO A 352 52.84 24.31 3.60
C PRO A 352 53.57 25.47 4.24
N SER A 353 53.65 25.44 5.57
CA SER A 353 54.31 26.47 6.37
C SER A 353 54.97 25.81 7.59
N ALA A 354 55.91 26.51 8.21
CA ALA A 354 56.58 26.02 9.40
C ALA A 354 56.13 26.97 10.51
N ASN A 355 56.18 26.51 11.75
CA ASN A 355 55.77 27.32 12.90
C ASN A 355 56.15 26.54 14.15
N ALA A 356 57.35 26.82 14.67
CA ALA A 356 57.87 26.14 15.86
C ALA A 356 56.82 25.91 16.96
N LEU A 357 56.01 26.93 17.24
CA LEU A 357 54.98 26.83 18.27
C LEU A 357 53.91 25.80 17.91
N VAL A 358 53.03 26.16 16.98
CA VAL A 358 51.95 25.28 16.58
C VAL A 358 52.42 23.87 16.36
N ALA A 359 53.50 23.67 15.61
CA ALA A 359 54.02 22.33 15.34
C ALA A 359 54.29 21.56 16.63
N GLY A 360 54.83 22.26 17.63
CA GLY A 360 55.11 21.62 18.91
C GLY A 360 53.85 21.03 19.52
N ILE A 361 52.71 21.71 19.33
CA ILE A 361 51.43 21.23 19.84
C ILE A 361 50.94 20.06 18.99
N VAL A 362 50.81 20.30 17.68
CA VAL A 362 50.36 19.25 16.77
C VAL A 362 51.16 17.99 17.02
N GLU A 363 52.45 18.15 17.29
CA GLU A 363 53.31 17.01 17.59
C GLU A 363 52.90 16.40 18.92
N LEU A 364 52.91 17.21 19.98
CA LEU A 364 52.56 16.75 21.31
C LEU A 364 51.15 16.15 21.40
N VAL A 365 50.18 16.84 20.80
CA VAL A 365 48.81 16.35 20.82
C VAL A 365 48.74 15.01 20.11
N THR A 366 49.10 15.04 18.84
CA THR A 366 49.06 13.86 18.01
C THR A 366 49.79 12.68 18.68
N ALA A 367 50.99 12.91 19.20
CA ALA A 367 51.76 11.85 19.85
C ALA A 367 51.02 11.31 21.07
N THR A 368 50.53 12.22 21.92
CA THR A 368 49.83 11.85 23.14
C THR A 368 48.75 10.82 22.86
N LEU A 369 47.91 11.12 21.88
CA LEU A 369 46.84 10.21 21.53
C LEU A 369 47.43 8.90 21.05
N SER A 370 48.36 8.98 20.09
CA SER A 370 48.98 7.79 19.52
C SER A 370 49.45 6.71 20.50
N ASP A 371 49.88 7.10 21.69
CA ASP A 371 50.34 6.11 22.66
C ASP A 371 49.17 5.44 23.36
N LEU A 372 48.15 6.21 23.69
CA LEU A 372 46.99 5.67 24.37
C LEU A 372 46.30 4.47 23.72
N GLU A 373 46.32 4.42 22.38
CA GLU A 373 45.66 3.35 21.61
C GLU A 373 45.24 2.12 22.39
N THR A 374 46.20 1.45 23.01
CA THR A 374 45.90 0.24 23.78
C THR A 374 44.90 0.47 24.91
N HIS A 375 45.23 1.42 25.79
CA HIS A 375 44.39 1.74 26.93
C HIS A 375 42.98 2.24 26.55
N LEU A 376 42.91 3.06 25.51
CA LEU A 376 41.61 3.57 25.08
C LEU A 376 40.78 2.42 24.53
N ASN A 377 41.44 1.44 23.92
CA ASN A 377 40.74 0.27 23.36
C ASN A 377 40.22 -0.58 24.51
N ALA A 378 41.02 -0.66 25.58
CA ALA A 378 40.63 -1.42 26.74
C ALA A 378 39.35 -0.79 27.34
N LEU A 379 39.37 0.53 27.50
CA LEU A 379 38.23 1.23 28.06
C LEU A 379 37.00 1.08 27.17
N ASP A 380 37.22 1.17 25.87
CA ASP A 380 36.12 1.06 24.92
C ASP A 380 35.58 -0.36 24.86
N ALA A 381 36.35 -1.32 25.36
CA ALA A 381 35.94 -2.72 25.36
C ALA A 381 34.91 -3.03 26.44
N LYS A 382 35.06 -2.40 27.61
CA LYS A 382 34.15 -2.60 28.74
C LYS A 382 32.91 -1.76 28.50
N VAL A 383 32.99 -0.83 27.55
CA VAL A 383 31.89 0.07 27.24
C VAL A 383 31.23 -0.19 25.90
N GLY A 384 32.02 -0.19 24.83
CA GLY A 384 31.51 -0.42 23.48
C GLY A 384 32.25 -1.47 22.66
N ASP A 385 32.56 -1.15 21.40
CA ASP A 385 33.25 -2.08 20.50
C ASP A 385 34.79 -2.08 20.53
N GLY A 386 35.35 -1.75 21.69
CA GLY A 386 36.81 -1.74 21.85
C GLY A 386 37.63 -1.25 20.68
N ASP A 387 37.17 -0.19 20.02
CA ASP A 387 37.85 0.39 18.87
C ASP A 387 38.34 1.84 19.05
N THR A 388 38.01 2.49 20.18
CA THR A 388 38.43 3.89 20.39
C THR A 388 39.91 4.16 20.18
N GLY A 389 40.75 3.63 21.05
CA GLY A 389 42.17 3.85 20.91
C GLY A 389 42.68 3.74 19.49
N SER A 390 42.29 2.67 18.80
CA SER A 390 42.74 2.48 17.44
C SER A 390 42.17 3.55 16.53
N THR A 391 40.88 3.82 16.68
CA THR A 391 40.22 4.84 15.87
C THR A 391 40.90 6.19 16.05
N PHE A 392 41.05 6.61 17.30
CA PHE A 392 41.68 7.89 17.60
C PHE A 392 43.14 7.98 17.15
N ALA A 393 43.85 6.85 17.16
CA ALA A 393 45.25 6.81 16.74
C ALA A 393 45.37 7.02 15.24
N ALA A 394 44.46 6.41 14.49
CA ALA A 394 44.44 6.55 13.04
C ALA A 394 44.50 8.04 12.71
N ALA A 395 43.57 8.79 13.29
CA ALA A 395 43.48 10.24 13.08
C ALA A 395 44.76 10.96 13.52
N ALA A 396 45.35 10.49 14.62
CA ALA A 396 46.57 11.08 15.13
C ALA A 396 47.74 10.74 14.20
N ARG A 397 47.99 9.45 14.00
CA ARG A 397 49.08 8.98 13.14
C ARG A 397 49.05 9.76 11.82
N GLU A 398 47.84 9.93 11.29
CA GLU A 398 47.65 10.65 10.02
C GLU A 398 48.12 12.09 10.09
N ILE A 399 47.64 12.85 11.05
CA ILE A 399 48.09 14.24 11.15
C ILE A 399 49.56 14.27 11.58
N ALA A 400 49.98 13.30 12.39
CA ALA A 400 51.36 13.20 12.85
C ALA A 400 52.26 13.08 11.63
N SER A 401 51.86 12.19 10.71
CA SER A 401 52.58 11.97 9.46
C SER A 401 52.67 13.31 8.74
N LEU A 402 51.52 13.81 8.29
CA LEU A 402 51.45 15.09 7.59
C LEU A 402 52.29 16.18 8.27
N LEU A 403 52.55 16.01 9.56
CA LEU A 403 53.37 16.98 10.28
C LEU A 403 54.80 16.78 9.84
N HIS A 404 55.28 15.55 10.00
CA HIS A 404 56.64 15.12 9.67
C HIS A 404 57.04 15.29 8.19
N ARG A 405 56.11 15.08 7.26
CA ARG A 405 56.38 15.25 5.83
C ARG A 405 56.33 16.74 5.46
N GLN A 406 56.38 17.62 6.45
CA GLN A 406 56.34 19.07 6.24
C GLN A 406 55.17 19.54 5.38
N GLN A 407 54.12 18.73 5.31
CA GLN A 407 52.97 19.08 4.48
C GLN A 407 51.79 19.77 5.20
N LEU A 408 52.02 20.28 6.41
CA LEU A 408 50.96 20.96 7.18
C LEU A 408 51.05 22.49 7.17
N PRO A 409 49.92 23.19 6.97
CA PRO A 409 49.83 24.65 6.95
C PRO A 409 49.91 25.30 8.33
N LEU A 410 50.86 24.84 9.14
CA LEU A 410 51.06 25.34 10.50
C LEU A 410 50.91 26.85 10.68
N ASN A 411 51.31 27.64 9.69
CA ASN A 411 51.22 29.10 9.82
C ASN A 411 49.81 29.67 9.85
N ASN A 412 48.87 28.95 9.27
CA ASN A 412 47.49 29.41 9.25
C ASN A 412 46.62 28.37 9.95
N LEU A 413 46.09 28.74 11.12
CA LEU A 413 45.23 27.84 11.87
C LEU A 413 43.90 27.58 11.17
N ALA A 414 43.16 28.64 10.89
CA ALA A 414 41.86 28.49 10.22
C ALA A 414 41.95 27.49 9.06
N THR A 415 43.14 27.37 8.50
CA THR A 415 43.37 26.45 7.39
C THR A 415 43.80 25.08 7.91
N LEU A 416 44.62 25.06 8.95
CA LEU A 416 45.09 23.79 9.54
C LEU A 416 43.90 23.03 10.12
N PHE A 417 43.01 23.75 10.79
CA PHE A 417 41.83 23.12 11.36
C PHE A 417 41.04 22.52 10.20
N ALA A 418 40.64 23.40 9.27
CA ALA A 418 39.87 22.99 8.10
C ALA A 418 40.50 21.78 7.39
N LEU A 419 41.82 21.69 7.42
CA LEU A 419 42.50 20.57 6.79
C LEU A 419 42.32 19.30 7.61
N ILE A 420 42.58 19.40 8.91
CA ILE A 420 42.42 18.26 9.81
C ILE A 420 40.98 17.77 9.71
N GLY A 421 40.04 18.72 9.76
CA GLY A 421 38.64 18.35 9.65
C GLY A 421 38.39 17.51 8.42
N GLU A 422 38.89 17.99 7.29
CA GLU A 422 38.74 17.30 6.01
C GLU A 422 39.63 16.07 5.86
N ARG A 423 40.20 15.55 6.94
CA ARG A 423 41.05 14.36 6.78
C ARG A 423 40.79 13.25 7.78
N LEU A 424 40.33 13.62 8.97
CA LEU A 424 40.05 12.65 10.02
C LEU A 424 39.00 11.63 9.61
N THR A 425 37.88 12.09 9.06
CA THR A 425 36.82 11.19 8.63
C THR A 425 37.38 10.05 7.78
N VAL A 426 38.38 10.35 6.96
CA VAL A 426 39.00 9.35 6.11
C VAL A 426 39.80 8.30 6.89
N VAL A 427 40.80 8.71 7.66
CA VAL A 427 41.59 7.75 8.43
C VAL A 427 40.76 7.03 9.49
N MET A 428 39.77 7.72 10.04
CA MET A 428 38.92 7.12 11.06
C MET A 428 37.49 7.06 10.59
N GLY A 429 36.93 5.86 10.60
CA GLY A 429 35.54 5.70 10.21
C GLY A 429 34.74 5.90 11.48
N GLY A 430 33.44 5.62 11.42
CA GLY A 430 32.62 5.76 12.60
C GLY A 430 32.28 7.19 13.02
N SER A 431 31.25 7.31 13.83
CA SER A 431 30.78 8.60 14.32
C SER A 431 31.90 9.51 14.84
N SER A 432 32.82 8.95 15.62
CA SER A 432 33.93 9.73 16.17
C SER A 432 34.53 10.58 15.07
N GLY A 433 35.03 9.90 14.03
CA GLY A 433 35.63 10.60 12.90
C GLY A 433 34.80 11.77 12.45
N VAL A 434 33.51 11.54 12.21
CA VAL A 434 32.63 12.61 11.77
C VAL A 434 32.51 13.70 12.83
N LEU A 435 32.38 13.33 14.09
CA LEU A 435 32.27 14.31 15.17
C LEU A 435 33.55 15.13 15.23
N MET A 436 34.68 14.43 15.23
CA MET A 436 35.97 15.08 15.27
C MET A 436 36.19 15.94 14.00
N SER A 437 35.41 15.69 12.96
CA SER A 437 35.49 16.48 11.73
C SER A 437 34.62 17.69 11.93
N ILE A 438 33.41 17.48 12.42
CA ILE A 438 32.51 18.61 12.69
C ILE A 438 33.22 19.61 13.58
N PHE A 439 33.97 19.11 14.56
CA PHE A 439 34.69 19.97 15.49
C PHE A 439 35.59 20.93 14.75
N PHE A 440 36.69 20.42 14.23
CA PHE A 440 37.66 21.24 13.52
C PHE A 440 37.05 22.02 12.37
N THR A 441 36.25 21.34 11.54
CA THR A 441 35.64 22.03 10.42
C THR A 441 34.93 23.29 10.89
N ALA A 442 34.03 23.15 11.87
CA ALA A 442 33.31 24.30 12.38
C ALA A 442 34.27 25.25 13.07
N ALA A 443 35.32 24.70 13.66
CA ALA A 443 36.31 25.52 14.36
C ALA A 443 36.97 26.46 13.36
N GLY A 444 37.56 25.86 12.31
CA GLY A 444 38.25 26.63 11.28
C GLY A 444 37.42 27.73 10.64
N GLN A 445 36.09 27.61 10.66
CA GLN A 445 35.25 28.63 10.07
C GLN A 445 34.95 29.72 11.09
N LYS A 446 35.48 29.56 12.29
CA LYS A 446 35.30 30.56 13.33
C LYS A 446 36.62 31.32 13.34
N LEU A 447 37.71 30.58 13.22
CA LEU A 447 39.03 31.20 13.17
C LEU A 447 39.07 32.06 11.92
N GLU A 448 38.63 31.47 10.82
CA GLU A 448 38.59 32.16 9.53
C GLU A 448 37.91 33.51 9.68
N GLN A 449 36.69 33.50 10.23
CA GLN A 449 35.98 34.76 10.42
C GLN A 449 36.54 35.50 11.64
N GLY A 450 37.87 35.60 11.67
CA GLY A 450 38.61 36.29 12.72
C GLY A 450 38.25 36.09 14.19
N ALA A 451 38.74 35.01 14.79
CA ALA A 451 38.46 34.74 16.20
C ALA A 451 39.65 34.04 16.81
N ASN A 452 39.81 34.17 18.13
CA ASN A 452 40.93 33.54 18.83
C ASN A 452 40.76 32.01 18.91
N VAL A 453 41.86 31.33 19.18
CA VAL A 453 41.90 29.87 19.27
C VAL A 453 40.87 29.26 20.21
N VAL A 454 40.65 29.88 21.35
CA VAL A 454 39.70 29.33 22.30
C VAL A 454 38.24 29.53 21.89
N GLU A 455 37.95 30.61 21.18
CA GLU A 455 36.58 30.85 20.76
C GLU A 455 36.15 29.92 19.64
N ALA A 456 37.13 29.49 18.84
CA ALA A 456 36.87 28.58 17.72
C ALA A 456 36.64 27.18 18.28
N LEU A 457 37.56 26.76 19.15
CA LEU A 457 37.46 25.46 19.79
C LEU A 457 36.11 25.33 20.46
N ASN A 458 35.71 26.35 21.22
CA ASN A 458 34.44 26.33 21.93
C ASN A 458 33.26 26.25 20.96
N THR A 459 33.39 26.90 19.80
CA THR A 459 32.31 26.86 18.81
C THR A 459 32.35 25.49 18.09
N GLY A 460 33.56 24.98 17.83
CA GLY A 460 33.68 23.68 17.19
C GLY A 460 32.98 22.65 18.05
N LEU A 461 32.95 22.92 19.35
CA LEU A 461 32.30 22.07 20.33
C LEU A 461 30.78 22.22 20.27
N ALA A 462 30.32 23.47 20.27
CA ALA A 462 28.89 23.77 20.21
C ALA A 462 28.22 23.07 19.05
N GLN A 463 28.95 22.96 17.95
CA GLN A 463 28.44 22.30 16.75
C GLN A 463 28.43 20.79 16.99
N MET A 464 29.53 20.29 17.57
CA MET A 464 29.61 18.87 17.85
C MET A 464 28.45 18.41 18.72
N LYS A 465 27.95 19.31 19.55
CA LYS A 465 26.84 18.98 20.43
C LYS A 465 25.53 19.05 19.63
N PHE A 466 25.40 20.08 18.81
CA PHE A 466 24.20 20.26 18.03
C PHE A 466 23.90 19.08 17.14
N TYR A 467 24.89 18.60 16.42
CA TYR A 467 24.70 17.47 15.52
C TYR A 467 24.82 16.13 16.25
N GLY A 468 25.81 16.05 17.13
CA GLY A 468 26.02 14.84 17.89
C GLY A 468 24.95 14.52 18.91
N GLY A 469 24.15 15.54 19.26
CA GLY A 469 23.08 15.36 20.23
C GLY A 469 23.48 15.15 21.69
N ALA A 470 24.78 15.18 22.00
CA ALA A 470 25.26 14.97 23.37
C ALA A 470 25.46 16.23 24.21
N ASP A 471 25.02 16.17 25.46
CA ASP A 471 25.19 17.27 26.40
C ASP A 471 26.15 16.84 27.50
N GLU A 472 26.43 17.73 28.43
CA GLU A 472 27.33 17.38 29.52
C GLU A 472 26.54 16.49 30.48
N GLY A 473 27.12 15.35 30.83
CA GLY A 473 26.45 14.44 31.73
C GLY A 473 26.05 13.15 31.03
N ASP A 474 26.23 13.09 29.71
CA ASP A 474 25.87 11.91 28.93
C ASP A 474 27.03 10.90 28.83
N ARG A 475 28.01 10.99 29.72
CA ARG A 475 29.16 10.08 29.70
C ARG A 475 29.82 10.14 28.35
N THR A 476 30.24 11.32 27.95
CA THR A 476 30.86 11.46 26.64
C THR A 476 32.10 12.33 26.71
N MET A 477 32.84 12.45 25.62
CA MET A 477 34.03 13.29 25.65
C MET A 477 33.62 14.75 25.85
N ILE A 478 32.33 15.03 25.65
CA ILE A 478 31.83 16.37 25.84
C ILE A 478 31.99 16.71 27.32
N ASP A 479 31.92 15.67 28.18
CA ASP A 479 32.04 15.84 29.63
C ASP A 479 33.39 16.37 30.12
N ALA A 480 34.41 16.30 29.27
CA ALA A 480 35.73 16.77 29.64
C ALA A 480 36.13 17.96 28.77
N LEU A 481 35.66 17.98 27.53
CA LEU A 481 35.99 19.05 26.61
C LEU A 481 35.44 20.37 27.11
N GLN A 482 34.13 20.44 27.23
CA GLN A 482 33.46 21.66 27.67
C GLN A 482 34.15 22.29 28.87
N PRO A 483 34.19 21.58 30.01
CA PRO A 483 34.83 22.10 31.22
C PRO A 483 36.20 22.68 30.87
N ALA A 484 36.98 21.91 30.13
CA ALA A 484 38.30 22.35 29.70
C ALA A 484 38.23 23.61 28.90
N LEU A 485 37.34 23.63 27.90
CA LEU A 485 37.21 24.82 27.08
C LEU A 485 36.59 25.99 27.83
N THR A 486 35.72 25.68 28.80
CA THR A 486 35.11 26.73 29.60
C THR A 486 36.17 27.33 30.54
N SER A 487 37.19 26.55 30.87
CA SER A 487 38.25 27.06 31.74
C SER A 487 39.23 27.95 30.95
N LEU A 488 39.45 27.65 29.67
CA LEU A 488 40.34 28.46 28.85
C LEU A 488 39.67 29.77 28.43
N LEU A 489 38.35 29.79 28.44
CA LEU A 489 37.63 30.98 28.04
C LEU A 489 37.73 32.04 29.13
N ALA A 490 38.01 31.58 30.35
CA ALA A 490 38.18 32.47 31.49
C ALA A 490 39.66 32.84 31.56
N GLN A 491 40.49 31.86 31.94
CA GLN A 491 41.94 32.03 32.03
C GLN A 491 42.57 31.36 30.80
N PRO A 492 42.58 32.07 29.66
CA PRO A 492 43.12 31.60 28.37
C PRO A 492 44.51 31.00 28.34
N LYS A 493 45.33 31.33 29.33
CA LYS A 493 46.70 30.82 29.30
C LYS A 493 46.99 29.77 30.35
N ASN A 494 46.02 29.53 31.23
CA ASN A 494 46.19 28.55 32.29
C ASN A 494 45.83 27.14 31.85
N LEU A 495 46.84 26.40 31.38
CA LEU A 495 46.62 25.02 30.91
C LEU A 495 46.42 24.00 32.03
N GLN A 496 46.97 24.28 33.20
CA GLN A 496 46.80 23.38 34.32
C GLN A 496 45.32 23.44 34.71
N ALA A 497 44.80 24.66 34.76
CA ALA A 497 43.41 24.91 35.11
C ALA A 497 42.48 24.12 34.21
N ALA A 498 42.73 24.22 32.92
CA ALA A 498 41.91 23.51 31.94
C ALA A 498 42.15 22.02 32.05
N PHE A 499 43.39 21.62 32.35
CA PHE A 499 43.65 20.20 32.48
C PHE A 499 42.79 19.65 33.58
N ASP A 500 42.91 20.24 34.76
CA ASP A 500 42.15 19.80 35.91
C ASP A 500 40.65 19.69 35.62
N ALA A 501 40.12 20.69 34.92
CA ALA A 501 38.71 20.69 34.58
C ALA A 501 38.31 19.43 33.82
N ALA A 502 39.13 19.04 32.84
CA ALA A 502 38.88 17.86 32.04
C ALA A 502 38.95 16.62 32.89
N GLN A 503 40.03 16.49 33.66
CA GLN A 503 40.22 15.33 34.54
C GLN A 503 39.02 15.14 35.47
N ALA A 504 38.44 16.24 35.94
CA ALA A 504 37.28 16.17 36.83
C ALA A 504 36.11 15.63 36.03
N GLY A 505 35.86 16.24 34.88
CA GLY A 505 34.77 15.79 34.02
C GLY A 505 34.98 14.34 33.60
N ALA A 506 36.19 14.00 33.20
CA ALA A 506 36.50 12.64 32.78
C ALA A 506 36.17 11.66 33.90
N GLU A 507 36.27 12.13 35.13
CA GLU A 507 35.99 11.30 36.29
C GLU A 507 34.49 11.11 36.53
N ARG A 508 33.67 12.10 36.18
CA ARG A 508 32.24 11.98 36.38
C ARG A 508 31.71 10.81 35.55
N THR A 509 32.22 10.70 34.33
CA THR A 509 31.80 9.64 33.42
C THR A 509 32.10 8.30 34.05
N CYS A 510 32.94 8.31 35.08
CA CYS A 510 33.33 7.10 35.76
C CYS A 510 32.28 6.71 36.81
N LEU A 511 31.47 7.69 37.23
CA LEU A 511 30.46 7.44 38.26
C LEU A 511 29.05 7.06 37.79
N SER A 512 28.95 6.39 36.64
CA SER A 512 27.66 5.97 36.12
C SER A 512 27.81 4.82 35.13
N SER A 513 28.43 3.74 35.58
CA SER A 513 28.66 2.55 34.73
C SER A 513 27.43 1.63 34.62
N LYS A 514 27.51 0.65 33.71
CA LYS A 514 26.42 -0.31 33.51
C LYS A 514 27.00 -1.47 32.70
N ALA A 515 28.33 -1.57 32.70
CA ALA A 515 29.08 -2.61 31.97
C ALA A 515 28.99 -3.99 32.59
N LEU A 529 38.33 2.90 38.11
CA LEU A 529 38.52 3.65 36.86
C LEU A 529 38.57 2.72 35.65
N GLY A 530 37.71 1.71 35.63
CA GLY A 530 37.67 0.79 34.50
C GLY A 530 36.37 0.99 33.73
N ASN A 531 35.55 1.89 34.26
CA ASN A 531 34.25 2.22 33.67
C ASN A 531 34.34 3.53 32.90
N MET A 532 35.52 4.12 32.85
CA MET A 532 35.73 5.41 32.18
C MET A 532 35.46 5.43 30.69
N ASP A 533 34.79 6.50 30.24
CA ASP A 533 34.46 6.70 28.84
C ASP A 533 35.75 7.05 28.11
N PRO A 534 36.12 6.27 27.10
CA PRO A 534 37.34 6.49 26.30
C PRO A 534 37.50 7.91 25.81
N GLY A 535 36.43 8.47 25.28
CA GLY A 535 36.49 9.84 24.79
C GLY A 535 37.03 10.78 25.86
N ALA A 536 36.34 10.84 27.00
CA ALA A 536 36.75 11.70 28.09
C ALA A 536 38.23 11.55 28.39
N GLN A 537 38.66 10.33 28.72
CA GLN A 537 40.07 10.08 29.00
C GLN A 537 40.95 10.70 27.89
N ALA A 538 40.72 10.27 26.66
CA ALA A 538 41.45 10.76 25.50
C ALA A 538 41.65 12.25 25.62
N LEU A 539 40.56 12.96 25.84
CA LEU A 539 40.57 14.41 25.99
C LEU A 539 41.47 14.86 27.14
N ALA A 540 41.15 14.40 28.33
CA ALA A 540 41.89 14.75 29.53
C ALA A 540 43.40 14.55 29.40
N MET A 541 43.80 13.39 28.91
CA MET A 541 45.23 13.12 28.77
C MET A 541 45.88 14.09 27.80
N VAL A 542 45.07 14.69 26.93
CA VAL A 542 45.56 15.65 25.97
C VAL A 542 45.88 16.94 26.71
N PHE A 543 44.89 17.47 27.42
CA PHE A 543 45.13 18.70 28.17
C PHE A 543 46.20 18.51 29.24
N LYS A 544 46.40 17.27 29.69
CA LYS A 544 47.43 16.99 30.68
C LYS A 544 48.77 17.15 30.00
N ALA A 545 48.86 16.67 28.78
CA ALA A 545 50.08 16.78 28.01
C ALA A 545 50.45 18.26 27.85
N LEU A 546 49.48 19.06 27.40
CA LEU A 546 49.71 20.46 27.22
C LEU A 546 50.22 21.12 28.50
N ALA A 547 49.53 20.88 29.62
CA ALA A 547 49.91 21.47 30.90
C ALA A 547 51.33 21.14 31.40
N GLU A 548 51.78 19.89 31.18
CA GLU A 548 53.10 19.47 31.60
C GLU A 548 54.14 19.93 30.58
N SER A 549 54.08 21.21 30.21
CA SER A 549 55.01 21.78 29.25
C SER A 549 54.86 23.30 29.19
N GLU A 550 53.98 23.83 30.04
CA GLU A 550 53.73 25.27 30.12
C GLU A 550 53.45 25.70 31.56
N ALA B 1 16.89 -17.23 3.27
CA ALA B 1 15.56 -17.01 2.75
C ALA B 1 15.01 -15.65 3.19
N SER B 2 14.28 -14.99 2.30
CA SER B 2 13.66 -13.69 2.58
C SER B 2 12.35 -13.55 1.79
N GLN B 3 11.99 -12.31 1.45
CA GLN B 3 10.76 -12.03 0.70
C GLN B 3 10.84 -10.63 0.13
N PHE B 4 11.69 -10.43 -0.86
CA PHE B 4 11.85 -9.11 -1.43
C PHE B 4 11.99 -9.10 -2.94
N PHE B 5 11.21 -8.26 -3.60
CA PHE B 5 11.31 -8.14 -5.05
C PHE B 5 12.44 -7.16 -5.32
N PHE B 6 13.56 -7.68 -5.80
CA PHE B 6 14.73 -6.87 -6.15
C PHE B 6 15.72 -7.66 -7.00
N ASN B 7 16.48 -6.96 -7.82
CA ASN B 7 17.43 -7.60 -8.70
C ASN B 7 18.84 -7.63 -8.10
N GLN B 8 19.69 -6.69 -8.51
CA GLN B 8 21.06 -6.59 -8.00
C GLN B 8 21.07 -5.84 -6.65
N ARG B 9 21.40 -6.52 -5.55
CA ARG B 9 21.40 -5.84 -4.26
C ARG B 9 22.02 -4.46 -4.32
N THR B 10 23.18 -4.35 -4.97
CA THR B 10 23.89 -3.07 -5.09
C THR B 10 23.20 -2.01 -5.95
N HIS B 11 22.23 -2.39 -6.76
CA HIS B 11 21.55 -1.40 -7.57
C HIS B 11 20.17 -1.10 -6.97
N LEU B 12 19.90 -1.68 -5.80
CA LEU B 12 18.62 -1.49 -5.12
C LEU B 12 18.15 -0.03 -5.12
N VAL B 13 18.80 0.78 -4.29
CA VAL B 13 18.48 2.20 -4.16
C VAL B 13 18.26 2.89 -5.50
N SER B 14 19.23 2.72 -6.39
CA SER B 14 19.16 3.32 -7.72
C SER B 14 17.88 2.94 -8.42
N ASP B 15 17.66 1.64 -8.55
CA ASP B 15 16.48 1.12 -9.22
C ASP B 15 15.19 1.80 -8.72
N VAL B 16 15.12 2.06 -7.41
CA VAL B 16 13.93 2.70 -6.83
C VAL B 16 13.78 4.15 -7.30
N ILE B 17 14.90 4.84 -7.45
CA ILE B 17 14.90 6.22 -7.93
C ILE B 17 14.34 6.19 -9.35
N ASP B 18 14.86 5.28 -10.17
CA ASP B 18 14.41 5.16 -11.54
C ASP B 18 12.88 5.01 -11.59
N GLY B 19 12.36 3.94 -11.02
CA GLY B 19 10.92 3.73 -11.02
C GLY B 19 10.11 4.86 -10.40
N ALA B 20 10.73 5.62 -9.50
CA ALA B 20 10.02 6.72 -8.87
C ALA B 20 9.84 7.79 -9.93
N ILE B 21 10.88 7.93 -10.76
CA ILE B 21 10.93 8.89 -11.85
C ILE B 21 10.00 8.47 -13.00
N ILE B 22 10.16 7.23 -13.48
CA ILE B 22 9.34 6.68 -14.56
C ILE B 22 7.84 6.82 -14.29
N ALA B 23 7.48 7.27 -13.09
CA ALA B 23 6.08 7.40 -12.75
C ALA B 23 5.70 8.81 -12.32
N SER B 24 6.62 9.76 -12.49
CA SER B 24 6.33 11.12 -12.09
C SER B 24 5.10 11.69 -12.77
N PRO B 25 4.09 12.06 -11.98
CA PRO B 25 2.89 12.63 -12.61
C PRO B 25 3.23 13.92 -13.37
N TRP B 26 4.10 14.75 -12.78
CA TRP B 26 4.50 16.03 -13.37
C TRP B 26 5.82 15.98 -14.12
N ASN B 27 6.33 14.79 -14.37
CA ASN B 27 7.61 14.65 -15.08
C ASN B 27 8.59 15.73 -14.63
N ASN B 28 8.62 16.01 -13.33
CA ASN B 28 9.49 17.05 -12.79
C ASN B 28 10.66 16.52 -11.98
N LEU B 29 10.93 15.23 -12.04
CA LEU B 29 12.02 14.66 -11.29
C LEU B 29 13.19 14.33 -12.21
N ALA B 30 14.42 14.49 -11.72
CA ALA B 30 15.60 14.20 -12.53
C ALA B 30 16.80 13.85 -11.66
N ARG B 31 17.55 12.82 -12.03
CA ARG B 31 18.71 12.42 -11.25
C ARG B 31 19.88 13.36 -11.49
N LEU B 32 20.60 13.69 -10.43
CA LEU B 32 21.74 14.57 -10.54
C LEU B 32 22.98 13.74 -10.86
N GLU B 33 23.59 14.05 -12.00
CA GLU B 33 24.80 13.35 -12.46
C GLU B 33 25.85 13.37 -11.37
N SER B 34 26.42 12.20 -11.09
CA SER B 34 27.45 12.09 -10.06
C SER B 34 27.94 10.65 -9.91
N ASP B 35 28.92 10.44 -9.04
CA ASP B 35 29.42 9.10 -8.81
C ASP B 35 28.22 8.22 -8.47
N PRO B 36 28.28 6.92 -8.83
CA PRO B 36 27.19 5.97 -8.55
C PRO B 36 26.84 5.81 -7.07
N ALA B 37 27.80 6.07 -6.19
CA ALA B 37 27.59 5.92 -4.75
C ALA B 37 26.89 7.13 -4.15
N ILE B 38 26.47 8.05 -5.01
CA ILE B 38 25.76 9.25 -4.59
C ILE B 38 24.46 9.30 -5.36
N ARG B 39 23.37 9.04 -4.65
CA ARG B 39 22.08 9.02 -5.30
C ARG B 39 21.23 10.23 -4.92
N ILE B 40 21.17 11.22 -5.82
CA ILE B 40 20.40 12.42 -5.57
C ILE B 40 19.37 12.71 -6.64
N VAL B 41 18.20 13.19 -6.22
CA VAL B 41 17.13 13.54 -7.12
C VAL B 41 16.86 15.01 -6.86
N VAL B 42 16.67 15.78 -7.93
CA VAL B 42 16.46 17.21 -7.85
C VAL B 42 15.34 17.66 -8.80
N ARG B 43 14.55 18.66 -8.42
CA ARG B 43 13.49 19.11 -9.31
C ARG B 43 14.08 19.75 -10.57
N ARG B 44 13.47 19.45 -11.71
CA ARG B 44 13.92 19.97 -13.01
C ARG B 44 13.75 21.49 -13.15
N ASP B 45 12.74 22.03 -12.46
CA ASP B 45 12.47 23.45 -12.48
C ASP B 45 13.16 24.11 -11.30
N LEU B 46 14.49 24.05 -11.30
CA LEU B 46 15.28 24.62 -10.22
C LEU B 46 15.20 26.15 -10.23
N ASN B 47 14.87 26.67 -9.07
CA ASN B 47 14.75 28.10 -8.88
C ASN B 47 15.65 28.56 -7.73
N LYS B 48 16.93 28.76 -8.07
CA LYS B 48 17.98 29.14 -7.11
C LYS B 48 17.60 30.39 -6.30
N ASN B 49 16.81 31.28 -6.94
CA ASN B 49 16.27 32.51 -6.32
C ASN B 49 15.62 32.27 -4.96
N ASN B 50 14.69 31.30 -4.92
CA ASN B 50 14.03 30.95 -3.67
C ASN B 50 14.97 30.09 -2.83
N VAL B 51 14.76 30.07 -1.51
CA VAL B 51 15.59 29.23 -0.65
C VAL B 51 15.24 27.79 -0.94
N ALA B 52 16.27 27.00 -1.26
CA ALA B 52 16.12 25.58 -1.57
C ALA B 52 15.94 24.75 -0.30
N VAL B 53 14.94 23.88 -0.30
CA VAL B 53 14.67 23.02 0.85
C VAL B 53 15.14 21.59 0.52
N ILE B 54 16.30 21.20 1.08
CA ILE B 54 16.84 19.85 0.84
C ILE B 54 16.49 18.91 1.99
N SER B 55 16.19 17.66 1.66
CA SER B 55 15.86 16.64 2.65
C SER B 55 16.41 15.29 2.19
N GLY B 56 16.28 14.27 3.04
CA GLY B 56 16.80 12.97 2.68
C GLY B 56 16.59 11.90 3.74
N GLY B 57 17.56 11.00 3.85
CA GLY B 57 17.45 9.93 4.82
C GLY B 57 17.62 8.61 4.07
N GLY B 58 17.51 7.48 4.76
CA GLY B 58 17.67 6.19 4.09
C GLY B 58 16.55 5.79 3.17
N SER B 59 16.71 4.63 2.54
CA SER B 59 15.68 4.14 1.62
C SER B 59 14.81 3.12 2.33
N GLY B 60 13.68 2.81 1.72
CA GLY B 60 12.76 1.94 2.37
C GLY B 60 11.61 2.73 2.92
N HIS B 61 11.62 4.08 2.84
CA HIS B 61 10.42 4.79 3.45
C HIS B 61 9.45 5.35 2.42
N GLU B 62 9.09 4.52 1.43
CA GLU B 62 8.72 5.12 0.18
C GLU B 62 7.73 5.77 -0.68
N PRO B 63 6.98 6.70 -0.33
CA PRO B 63 7.58 7.73 -1.19
C PRO B 63 8.61 8.69 -0.57
N ALA B 64 8.64 8.86 0.74
CA ALA B 64 9.65 9.73 1.35
C ALA B 64 11.03 9.30 0.86
N HIS B 65 11.82 10.21 0.28
CA HIS B 65 11.44 11.62 0.11
C HIS B 65 11.35 12.10 -1.34
N VAL B 66 11.81 11.28 -2.28
CA VAL B 66 11.75 11.65 -3.69
C VAL B 66 10.32 11.98 -4.08
N GLY B 67 9.37 11.34 -3.39
CA GLY B 67 7.97 11.57 -3.65
C GLY B 67 7.51 12.98 -3.36
N PHE B 68 8.15 13.65 -2.42
CA PHE B 68 7.75 15.01 -2.06
C PHE B 68 8.60 16.13 -2.66
N ILE B 69 9.35 15.80 -3.70
CA ILE B 69 10.20 16.76 -4.41
C ILE B 69 9.37 17.54 -5.42
N GLY B 70 9.74 18.81 -5.68
CA GLY B 70 8.96 19.63 -6.66
C GLY B 70 8.35 20.97 -6.17
N LYS B 71 7.74 21.79 -7.06
CA LYS B 71 7.12 23.10 -6.67
C LYS B 71 6.20 22.96 -5.45
N GLY B 72 6.47 23.73 -4.39
CA GLY B 72 5.61 23.68 -3.20
C GLY B 72 6.21 22.89 -2.02
N MET B 73 7.23 22.07 -2.30
CA MET B 73 7.93 21.26 -1.30
C MET B 73 9.40 21.11 -1.61
N LEU B 74 9.93 19.93 -1.32
CA LEU B 74 11.35 19.64 -1.52
C LEU B 74 11.98 19.97 -2.86
N THR B 75 13.15 20.57 -2.77
CA THR B 75 13.93 20.93 -3.95
C THR B 75 14.67 19.68 -4.42
N ALA B 76 15.28 18.98 -3.47
CA ALA B 76 16.02 17.77 -3.79
C ALA B 76 15.94 16.80 -2.60
N ALA B 77 16.27 15.53 -2.86
CA ALA B 77 16.25 14.51 -1.83
C ALA B 77 17.51 13.64 -1.92
N VAL B 78 18.17 13.42 -0.79
CA VAL B 78 19.40 12.63 -0.80
C VAL B 78 19.12 11.25 -0.24
N CYS B 79 19.25 10.24 -1.09
CA CYS B 79 18.96 8.86 -0.72
C CYS B 79 20.15 7.95 -0.45
N GLY B 80 20.16 7.35 0.74
CA GLY B 80 21.22 6.43 1.11
C GLY B 80 20.70 5.01 0.98
N ASP B 81 21.52 4.01 1.29
CA ASP B 81 21.08 2.63 1.17
C ASP B 81 19.83 2.40 2.00
N VAL B 82 19.38 1.14 2.05
CA VAL B 82 18.19 0.80 2.80
C VAL B 82 18.38 1.05 4.29
N PHE B 83 17.50 1.87 4.85
CA PHE B 83 17.55 2.19 6.28
C PHE B 83 18.92 2.67 6.76
N ALA B 84 19.55 3.56 5.99
CA ALA B 84 20.85 4.08 6.36
C ALA B 84 21.04 5.45 5.73
N SER B 85 21.46 6.42 6.52
CA SER B 85 21.65 7.78 6.03
C SER B 85 22.65 7.84 4.88
N PRO B 86 22.55 8.89 4.05
CA PRO B 86 23.44 9.06 2.90
C PRO B 86 24.83 9.42 3.43
N SER B 87 25.78 9.52 2.52
CA SER B 87 27.14 9.88 2.88
C SER B 87 27.17 11.38 3.08
N VAL B 88 28.27 11.90 3.61
CA VAL B 88 28.38 13.33 3.80
C VAL B 88 28.57 13.89 2.36
N ASP B 89 29.45 13.21 1.61
CA ASP B 89 29.74 13.53 0.22
C ASP B 89 28.48 13.84 -0.58
N ALA B 90 27.43 13.08 -0.32
CA ALA B 90 26.19 13.22 -1.02
C ALA B 90 25.35 14.38 -0.51
N VAL B 91 25.25 14.54 0.79
CA VAL B 91 24.44 15.64 1.27
C VAL B 91 25.06 16.93 0.79
N LEU B 92 26.39 16.95 0.67
CA LEU B 92 27.07 18.16 0.20
C LEU B 92 26.81 18.37 -1.28
N THR B 93 27.18 17.38 -2.10
CA THR B 93 26.95 17.47 -3.53
C THR B 93 25.55 18.00 -3.81
N ALA B 94 24.61 17.69 -2.92
CA ALA B 94 23.24 18.14 -3.10
C ALA B 94 23.09 19.64 -2.83
N ILE B 95 23.65 20.10 -1.71
CA ILE B 95 23.56 21.50 -1.36
C ILE B 95 24.13 22.34 -2.50
N GLN B 96 25.37 22.04 -2.90
CA GLN B 96 26.01 22.79 -3.98
C GLN B 96 25.15 22.76 -5.25
N ALA B 97 24.93 21.55 -5.76
CA ALA B 97 24.15 21.38 -6.97
C ALA B 97 22.88 22.22 -7.09
N VAL B 98 22.14 22.41 -5.99
CA VAL B 98 20.88 23.16 -6.05
C VAL B 98 20.67 24.40 -5.18
N THR B 99 21.65 24.73 -4.34
CA THR B 99 21.48 25.91 -3.48
C THR B 99 21.93 27.19 -4.14
N GLY B 100 21.08 28.21 -4.04
CA GLY B 100 21.40 29.49 -4.62
C GLY B 100 21.99 30.38 -3.55
N GLU B 101 21.75 31.68 -3.66
CA GLU B 101 22.27 32.64 -2.70
C GLU B 101 21.30 32.86 -1.56
N ALA B 102 20.03 32.56 -1.79
CA ALA B 102 19.02 32.71 -0.74
C ALA B 102 19.27 31.67 0.35
N GLY B 103 20.10 30.68 0.00
CA GLY B 103 20.45 29.61 0.93
C GLY B 103 19.65 28.33 0.76
N CYS B 104 19.83 27.40 1.71
CA CYS B 104 19.12 26.13 1.70
C CYS B 104 18.87 25.67 3.12
N LEU B 105 17.74 25.00 3.30
CA LEU B 105 17.33 24.50 4.60
C LEU B 105 17.26 22.98 4.59
N LEU B 106 18.17 22.33 5.32
CA LEU B 106 18.17 20.89 5.42
C LEU B 106 17.15 20.47 6.47
N ILE B 107 16.20 19.63 6.10
CA ILE B 107 15.19 19.15 7.05
C ILE B 107 15.55 17.68 7.32
N VAL B 108 16.12 17.42 8.50
CA VAL B 108 16.59 16.08 8.86
C VAL B 108 15.82 15.36 9.97
N LYS B 109 15.58 14.06 9.74
CA LYS B 109 14.85 13.20 10.68
C LYS B 109 15.76 12.83 11.87
N ASN B 110 15.24 12.99 13.08
CA ASN B 110 16.04 12.74 14.30
C ASN B 110 16.62 11.34 14.54
N TYR B 111 17.83 11.14 14.02
CA TYR B 111 18.58 9.90 14.15
C TYR B 111 20.05 10.27 14.11
N THR B 112 20.83 9.76 15.06
CA THR B 112 22.25 10.11 15.11
C THR B 112 22.99 10.02 13.75
N GLY B 113 22.59 9.08 12.91
CA GLY B 113 23.24 8.92 11.62
C GLY B 113 23.00 10.10 10.69
N ASP B 114 21.73 10.34 10.36
CA ASP B 114 21.38 11.45 9.50
C ASP B 114 21.93 12.76 10.04
N ARG B 115 21.73 12.99 11.33
CA ARG B 115 22.24 14.21 11.94
C ARG B 115 23.75 14.36 11.67
N LEU B 116 24.53 13.41 12.14
CA LEU B 116 25.97 13.47 11.95
C LEU B 116 26.39 13.71 10.51
N ASN B 117 25.85 12.92 9.57
CA ASN B 117 26.23 13.07 8.17
C ASN B 117 25.77 14.38 7.52
N PHE B 118 24.48 14.70 7.61
CA PHE B 118 23.96 15.95 7.06
C PHE B 118 24.61 17.12 7.78
N GLY B 119 25.02 16.91 9.03
CA GLY B 119 25.62 17.98 9.80
C GLY B 119 27.00 18.38 9.31
N LEU B 120 27.92 17.42 9.27
CA LEU B 120 29.26 17.70 8.80
C LEU B 120 29.12 18.35 7.44
N ALA B 121 28.15 17.85 6.66
CA ALA B 121 27.89 18.40 5.33
C ALA B 121 27.62 19.89 5.47
N ALA B 122 26.49 20.25 6.09
CA ALA B 122 26.09 21.64 6.30
C ALA B 122 27.29 22.50 6.72
N GLU B 123 28.23 21.91 7.45
CA GLU B 123 29.39 22.67 7.86
C GLU B 123 30.29 22.86 6.67
N LYS B 124 30.76 21.78 6.05
CA LYS B 124 31.64 21.92 4.88
C LYS B 124 31.01 22.84 3.85
N ALA B 125 29.70 23.00 3.92
CA ALA B 125 28.98 23.85 2.98
C ALA B 125 29.07 25.30 3.40
N ARG B 126 28.86 25.57 4.68
CA ARG B 126 28.94 26.94 5.22
C ARG B 126 30.27 27.55 4.78
N ARG B 127 31.31 26.73 4.90
CA ARG B 127 32.68 27.10 4.56
C ARG B 127 32.90 27.46 3.08
N LEU B 128 31.98 27.05 2.21
CA LEU B 128 32.14 27.37 0.80
C LEU B 128 31.24 28.55 0.44
N GLY B 129 30.78 29.23 1.48
CA GLY B 129 29.93 30.38 1.29
C GLY B 129 28.44 30.10 1.27
N TYR B 130 28.07 28.84 1.10
CA TYR B 130 26.66 28.51 1.04
C TYR B 130 25.97 28.79 2.38
N ASN B 131 24.90 29.58 2.35
CA ASN B 131 24.16 29.90 3.57
C ASN B 131 23.31 28.69 3.91
N VAL B 132 23.79 27.84 4.81
CA VAL B 132 23.08 26.62 5.18
C VAL B 132 22.32 26.65 6.53
N GLU B 133 21.24 25.89 6.61
CA GLU B 133 20.45 25.79 7.84
C GLU B 133 19.86 24.39 7.98
N MET B 134 19.95 23.83 9.19
CA MET B 134 19.46 22.47 9.45
C MET B 134 18.39 22.36 10.52
N LEU B 135 17.29 21.71 10.21
CA LEU B 135 16.21 21.55 11.18
C LEU B 135 15.95 20.09 11.48
N ILE B 136 16.27 19.69 12.70
CA ILE B 136 16.06 18.32 13.12
C ILE B 136 14.59 18.14 13.51
N VAL B 137 13.94 17.13 12.95
CA VAL B 137 12.54 16.86 13.26
C VAL B 137 12.38 15.62 14.11
N GLY B 138 11.63 15.75 15.20
CA GLY B 138 11.37 14.66 16.13
C GLY B 138 9.92 14.79 16.56
N ASP B 139 9.06 13.94 16.02
CA ASP B 139 7.65 14.04 16.34
C ASP B 139 7.11 12.83 17.06
N ASP B 140 7.89 11.76 17.10
CA ASP B 140 7.45 10.54 17.77
C ASP B 140 7.24 10.83 19.25
N ILE B 141 6.10 10.39 19.78
CA ILE B 141 5.83 10.61 21.20
C ILE B 141 5.74 9.26 21.92
N SER B 142 6.17 8.22 21.23
CA SER B 142 6.11 6.87 21.75
C SER B 142 7.09 6.54 22.86
N LEU B 143 8.11 7.36 23.06
CA LEU B 143 9.10 7.06 24.11
C LEU B 143 9.52 8.34 24.82
N PRO B 144 8.60 8.95 25.57
CA PRO B 144 8.87 10.19 26.30
C PRO B 144 10.12 10.14 27.19
N ASP B 145 10.49 8.94 27.62
CA ASP B 145 11.66 8.79 28.47
C ASP B 145 12.98 8.90 27.71
N ASN B 146 12.90 9.05 26.39
CA ASN B 146 14.12 9.15 25.60
C ASN B 146 14.48 10.55 25.13
N LYS B 147 15.74 10.88 25.38
CA LYS B 147 16.35 12.17 25.06
C LYS B 147 16.00 12.71 23.67
N HIS B 148 16.20 11.87 22.65
CA HIS B 148 15.96 12.27 21.26
C HIS B 148 14.79 11.60 20.53
N PRO B 149 13.65 12.30 20.43
CA PRO B 149 12.47 11.78 19.76
C PRO B 149 12.76 11.40 18.33
N ARG B 150 12.41 10.18 17.96
CA ARG B 150 12.65 9.72 16.60
C ARG B 150 11.82 10.55 15.65
N GLY B 151 12.32 10.68 14.42
CA GLY B 151 11.63 11.43 13.38
C GLY B 151 10.86 10.48 12.49
N ILE B 152 9.59 10.78 12.26
CA ILE B 152 8.75 9.91 11.44
C ILE B 152 7.67 10.66 10.66
N ALA B 153 6.71 9.89 10.14
CA ALA B 153 5.59 10.39 9.34
C ALA B 153 5.34 11.92 9.30
N GLY B 154 5.31 12.57 10.46
CA GLY B 154 5.06 14.01 10.51
C GLY B 154 6.07 14.83 9.73
N THR B 155 7.28 14.31 9.56
CA THR B 155 8.33 15.03 8.83
C THR B 155 7.80 15.71 7.56
N ILE B 156 7.07 14.95 6.75
CA ILE B 156 6.57 15.53 5.51
C ILE B 156 5.72 16.77 5.72
N LEU B 157 5.00 16.88 6.84
CA LEU B 157 4.20 18.08 7.06
C LEU B 157 5.17 19.25 7.23
N VAL B 158 6.26 19.01 7.93
CA VAL B 158 7.27 20.05 8.12
C VAL B 158 7.71 20.53 6.73
N HIS B 159 7.73 19.63 5.75
CA HIS B 159 8.13 19.99 4.38
C HIS B 159 7.10 20.91 3.76
N LYS B 160 5.83 20.49 3.83
CA LYS B 160 4.73 21.24 3.26
C LYS B 160 4.82 22.70 3.65
N ILE B 161 5.11 22.95 4.93
CA ILE B 161 5.24 24.31 5.43
C ILE B 161 6.50 24.98 4.87
N ALA B 162 7.66 24.38 5.14
CA ALA B 162 8.93 24.92 4.66
C ALA B 162 8.85 25.22 3.16
N GLY B 163 8.30 24.27 2.40
CA GLY B 163 8.18 24.47 0.97
C GLY B 163 7.33 25.67 0.60
N TYR B 164 6.24 25.86 1.34
CA TYR B 164 5.31 26.97 1.13
C TYR B 164 6.10 28.26 1.03
N PHE B 165 6.65 28.68 2.16
CA PHE B 165 7.42 29.89 2.25
C PHE B 165 8.59 29.94 1.28
N ALA B 166 9.20 28.80 1.00
CA ALA B 166 10.33 28.76 0.07
C ALA B 166 9.93 29.29 -1.31
N GLU B 167 8.86 28.74 -1.89
CA GLU B 167 8.39 29.15 -3.21
C GLU B 167 7.91 30.60 -3.27
N ARG B 168 7.28 31.07 -2.20
CA ARG B 168 6.78 32.45 -2.12
C ARG B 168 7.94 33.44 -2.23
N GLY B 169 9.17 32.93 -2.07
CA GLY B 169 10.34 33.78 -2.18
C GLY B 169 10.88 34.35 -0.87
N TYR B 170 10.47 33.78 0.26
CA TYR B 170 10.92 34.25 1.56
C TYR B 170 12.38 33.95 1.86
N ASN B 171 12.93 34.73 2.78
CA ASN B 171 14.31 34.63 3.22
C ASN B 171 14.53 33.33 3.98
N LEU B 172 15.72 32.75 3.82
CA LEU B 172 16.08 31.51 4.51
C LEU B 172 15.67 31.52 5.98
N ALA B 173 16.07 32.57 6.67
CA ALA B 173 15.75 32.69 8.09
C ALA B 173 14.26 32.65 8.39
N THR B 174 13.44 33.01 7.41
CA THR B 174 11.99 33.01 7.62
C THR B 174 11.46 31.60 7.39
N VAL B 175 12.10 30.88 6.49
CA VAL B 175 11.72 29.50 6.18
C VAL B 175 11.93 28.69 7.47
N LEU B 176 13.19 28.64 7.91
CA LEU B 176 13.56 27.91 9.12
C LEU B 176 12.59 28.18 10.25
N ARG B 177 12.38 29.45 10.56
CA ARG B 177 11.49 29.86 11.63
C ARG B 177 10.13 29.18 11.48
N GLU B 178 9.47 29.43 10.36
CA GLU B 178 8.16 28.85 10.11
C GLU B 178 8.21 27.32 10.07
N ALA B 179 9.34 26.77 9.63
CA ALA B 179 9.52 25.33 9.55
C ALA B 179 9.51 24.75 10.95
N GLN B 180 10.35 25.28 11.83
CA GLN B 180 10.41 24.79 13.19
C GLN B 180 9.05 24.93 13.88
N TYR B 181 8.34 26.02 13.58
CA TYR B 181 7.03 26.24 14.20
C TYR B 181 6.12 25.05 13.99
N ALA B 182 5.96 24.66 12.73
CA ALA B 182 5.12 23.52 12.41
C ALA B 182 5.62 22.29 13.17
N ALA B 183 6.91 21.99 13.01
CA ALA B 183 7.53 20.84 13.67
C ALA B 183 7.10 20.73 15.12
N SER B 184 7.28 21.80 15.89
CA SER B 184 6.93 21.78 17.30
C SER B 184 5.44 21.68 17.57
N ASN B 185 4.64 21.67 16.50
CA ASN B 185 3.19 21.54 16.61
C ASN B 185 2.77 20.23 15.96
N THR B 186 3.74 19.34 15.78
CA THR B 186 3.49 18.05 15.15
C THR B 186 3.76 16.91 16.13
N PHE B 187 2.82 15.96 16.20
CA PHE B 187 2.93 14.82 17.10
C PHE B 187 2.53 13.53 16.39
N SER B 188 3.43 12.56 16.33
CA SER B 188 3.15 11.30 15.65
C SER B 188 3.28 10.09 16.57
N LEU B 189 2.49 9.06 16.30
CA LEU B 189 2.53 7.82 17.07
C LEU B 189 2.21 6.66 16.14
N GLY B 190 3.06 5.62 16.14
CA GLY B 190 2.82 4.48 15.27
C GLY B 190 2.60 3.15 15.97
N VAL B 191 2.01 2.18 15.25
CA VAL B 191 1.77 0.85 15.80
C VAL B 191 2.03 -0.18 14.71
N ALA B 192 2.44 -1.39 15.08
CA ALA B 192 2.69 -2.41 14.08
C ALA B 192 2.45 -3.83 14.58
N LEU B 193 1.92 -4.67 13.71
CA LEU B 193 1.65 -6.03 14.06
C LEU B 193 2.87 -6.87 13.84
N SER B 194 3.66 -6.51 12.84
CA SER B 194 4.90 -7.21 12.54
C SER B 194 5.85 -6.28 11.79
N SER B 195 7.15 -6.47 11.98
CA SER B 195 8.14 -5.62 11.30
C SER B 195 8.10 -5.85 9.80
N CYS B 196 9.12 -5.35 9.12
CA CYS B 196 9.19 -5.43 7.66
C CYS B 196 10.23 -6.42 7.19
N HIS B 197 10.09 -6.86 5.96
CA HIS B 197 11.06 -7.79 5.37
C HIS B 197 12.19 -6.98 4.74
N LEU B 198 13.42 -7.48 4.81
CA LEU B 198 14.56 -6.77 4.26
C LEU B 198 15.09 -7.41 2.97
N PRO B 199 15.91 -6.66 2.20
CA PRO B 199 16.48 -7.17 0.94
C PRO B 199 17.75 -8.00 1.18
N GLN B 200 17.65 -8.96 2.09
CA GLN B 200 18.78 -9.82 2.39
C GLN B 200 18.29 -11.03 3.16
N GLU B 201 19.05 -12.11 3.08
CA GLU B 201 18.71 -13.33 3.80
C GLU B 201 18.98 -13.06 5.28
N THR B 202 18.04 -13.45 6.14
CA THR B 202 18.20 -13.23 7.57
C THR B 202 17.82 -14.47 8.39
N ASP B 203 18.28 -14.51 9.65
CA ASP B 203 18.00 -15.62 10.56
C ASP B 203 16.53 -16.05 10.56
N ALA B 204 15.69 -15.30 11.27
CA ALA B 204 14.26 -15.60 11.33
C ALA B 204 13.36 -14.45 10.86
N ALA B 205 12.06 -14.74 10.77
CA ALA B 205 11.05 -13.78 10.36
C ALA B 205 11.20 -12.44 11.09
N PRO B 206 10.44 -11.44 10.67
CA PRO B 206 10.44 -10.09 11.25
C PRO B 206 9.86 -10.12 12.67
N ARG B 207 10.26 -9.16 13.51
CA ARG B 207 9.72 -9.13 14.86
C ARG B 207 8.21 -9.24 14.74
N HIS B 208 7.62 -9.95 15.68
CA HIS B 208 6.19 -10.20 15.64
C HIS B 208 5.73 -10.66 17.01
N HIS B 209 4.57 -10.16 17.43
CA HIS B 209 3.99 -10.53 18.71
C HIS B 209 2.63 -11.12 18.56
N PRO B 210 2.58 -12.45 18.47
CA PRO B 210 1.33 -13.12 18.23
C PRO B 210 0.12 -12.58 19.00
N GLY B 211 -0.88 -12.12 18.25
CA GLY B 211 -2.11 -11.58 18.83
C GLY B 211 -1.94 -10.19 19.36
N HIS B 212 -0.71 -9.78 19.55
CA HIS B 212 -0.47 -8.46 20.09
C HIS B 212 0.07 -7.50 19.07
N ALA B 213 0.25 -6.26 19.51
CA ALA B 213 0.73 -5.21 18.64
C ALA B 213 1.76 -4.35 19.34
N GLU B 214 2.87 -4.07 18.65
CA GLU B 214 3.95 -3.25 19.18
C GLU B 214 3.69 -1.76 18.92
N LEU B 215 3.76 -0.96 19.97
CA LEU B 215 3.52 0.46 19.85
C LEU B 215 4.86 1.18 19.79
N GLY B 216 4.97 2.12 18.85
CA GLY B 216 6.18 2.90 18.70
C GLY B 216 7.30 2.19 17.96
N MET B 217 6.94 1.24 17.10
CA MET B 217 7.95 0.56 16.32
C MET B 217 8.57 1.56 15.35
N GLY B 218 9.87 1.71 15.40
CA GLY B 218 10.61 2.64 14.59
C GLY B 218 10.50 2.36 13.11
N ILE B 219 10.66 3.45 12.32
CA ILE B 219 10.58 3.24 10.88
C ILE B 219 11.79 2.42 10.40
N HIS B 220 12.84 2.28 11.19
CA HIS B 220 13.95 1.43 10.73
C HIS B 220 13.71 -0.01 11.19
N GLY B 221 12.62 -0.20 12.00
CA GLY B 221 12.19 -1.46 12.57
C GLY B 221 12.63 -1.51 14.03
N GLU B 222 13.11 -0.37 14.53
CA GLU B 222 13.57 -0.32 15.88
C GLU B 222 12.49 -0.93 16.78
N PRO B 223 12.90 -1.26 18.00
CA PRO B 223 11.97 -1.71 19.05
C PRO B 223 11.16 -0.52 19.50
N GLY B 224 9.85 -0.73 19.67
CA GLY B 224 8.98 0.34 20.09
C GLY B 224 9.02 0.59 21.58
N ALA B 225 7.96 1.10 22.12
CA ALA B 225 7.88 1.37 23.55
C ALA B 225 7.25 0.21 24.30
N SER B 226 5.95 0.07 24.16
CA SER B 226 5.16 -0.97 24.83
C SER B 226 4.64 -2.03 23.84
N VAL B 227 3.78 -2.91 24.35
CA VAL B 227 3.12 -3.95 23.55
C VAL B 227 1.69 -4.05 24.04
N ILE B 228 0.74 -3.78 23.14
CA ILE B 228 -0.68 -3.83 23.48
C ILE B 228 -1.13 -5.29 23.45
N ASP B 229 -1.94 -5.67 24.42
CA ASP B 229 -2.43 -7.05 24.54
C ASP B 229 -3.51 -7.45 23.54
N THR B 230 -3.69 -6.68 22.48
CA THR B 230 -4.69 -7.01 21.48
C THR B 230 -4.33 -6.48 20.11
N GLN B 231 -5.14 -6.83 19.12
CA GLN B 231 -4.91 -6.38 17.76
C GLN B 231 -6.14 -5.62 17.32
N ASN B 232 -7.11 -5.51 18.22
CA ASN B 232 -8.38 -4.86 17.99
C ASN B 232 -8.31 -3.42 17.50
N SER B 233 -8.81 -3.19 16.29
CA SER B 233 -8.79 -1.86 15.69
C SER B 233 -9.24 -0.76 16.63
N ALA B 234 -10.51 -0.79 17.05
CA ALA B 234 -11.05 0.22 17.95
C ALA B 234 -10.17 0.47 19.17
N GLN B 235 -9.92 -0.60 19.94
CA GLN B 235 -9.09 -0.47 21.12
C GLN B 235 -7.76 0.20 20.78
N VAL B 236 -6.97 -0.43 19.92
CA VAL B 236 -5.66 0.11 19.54
C VAL B 236 -5.70 1.57 19.09
N VAL B 237 -6.63 1.94 18.21
CA VAL B 237 -6.69 3.33 17.77
C VAL B 237 -7.01 4.26 18.94
N ASN B 238 -7.97 3.88 19.77
CA ASN B 238 -8.33 4.73 20.90
C ASN B 238 -7.12 5.01 21.79
N LEU B 239 -6.45 3.95 22.23
CA LEU B 239 -5.25 4.09 23.07
C LEU B 239 -4.29 5.13 22.47
N MET B 240 -4.02 4.99 21.17
CA MET B 240 -3.12 5.90 20.47
C MET B 240 -3.66 7.32 20.59
N VAL B 241 -4.95 7.49 20.41
CA VAL B 241 -5.55 8.82 20.50
C VAL B 241 -5.29 9.43 21.88
N ASP B 242 -5.50 8.66 22.94
CA ASP B 242 -5.26 9.18 24.29
C ASP B 242 -3.86 9.77 24.38
N LYS B 243 -2.85 8.93 24.16
CA LYS B 243 -1.47 9.33 24.21
C LYS B 243 -1.21 10.51 23.30
N LEU B 244 -2.05 10.68 22.29
CA LEU B 244 -1.90 11.79 21.36
C LEU B 244 -2.52 13.04 21.97
N LEU B 245 -3.71 12.88 22.52
CA LEU B 245 -4.41 13.98 23.16
C LEU B 245 -3.64 14.46 24.37
N ALA B 246 -2.94 13.51 24.99
CA ALA B 246 -2.13 13.78 26.17
C ALA B 246 -0.97 14.73 25.88
N ALA B 247 -0.58 14.85 24.61
CA ALA B 247 0.54 15.73 24.27
C ALA B 247 0.15 16.89 23.34
N LEU B 248 -1.14 17.06 23.11
CA LEU B 248 -1.66 18.11 22.26
C LEU B 248 -2.37 19.14 23.12
N PRO B 249 -2.38 20.41 22.69
CA PRO B 249 -3.05 21.46 23.46
C PRO B 249 -4.45 20.99 23.87
N GLU B 250 -4.99 21.53 24.97
CA GLU B 250 -6.32 21.13 25.43
C GLU B 250 -7.35 21.69 24.44
N THR B 251 -6.93 22.66 23.63
CA THR B 251 -7.81 23.25 22.62
C THR B 251 -7.01 23.64 21.37
N GLY B 252 -7.68 23.56 20.22
CA GLY B 252 -7.05 23.89 18.95
C GLY B 252 -7.48 22.96 17.83
N ARG B 253 -7.77 23.54 16.67
CA ARG B 253 -8.18 22.76 15.50
C ARG B 253 -6.92 22.06 14.99
N LEU B 254 -7.12 21.01 14.22
CA LEU B 254 -5.98 20.28 13.70
C LEU B 254 -6.31 19.38 12.54
N ALA B 255 -5.25 19.00 11.84
CA ALA B 255 -5.35 18.10 10.71
C ALA B 255 -4.69 16.83 11.22
N VAL B 256 -5.22 15.68 10.83
CA VAL B 256 -4.66 14.39 11.23
C VAL B 256 -4.24 13.60 9.99
N MET B 257 -3.02 13.06 10.01
CA MET B 257 -2.53 12.29 8.86
C MET B 257 -2.40 10.81 9.19
N ILE B 258 -3.21 10.00 8.50
CA ILE B 258 -3.21 8.55 8.68
C ILE B 258 -2.26 7.91 7.68
N ASN B 259 -1.10 7.47 8.17
CA ASN B 259 -0.05 6.86 7.36
C ASN B 259 0.01 5.34 7.37
N ASN B 260 0.13 4.73 6.18
CA ASN B 260 0.24 3.28 6.07
C ASN B 260 1.73 2.96 6.02
N LEU B 261 2.25 2.27 7.04
CA LEU B 261 3.68 1.92 7.08
C LEU B 261 4.18 1.03 5.95
N GLY B 262 3.28 0.54 5.11
CA GLY B 262 3.67 -0.26 3.98
C GLY B 262 2.96 -1.58 3.79
N GLY B 263 2.59 -2.24 4.90
CA GLY B 263 1.97 -3.54 4.82
C GLY B 263 0.57 -3.76 5.34
N VAL B 264 -0.20 -2.68 5.52
CA VAL B 264 -1.57 -2.82 6.01
C VAL B 264 -2.50 -2.84 4.81
N SER B 265 -3.51 -3.69 4.85
CA SER B 265 -4.43 -3.76 3.72
C SER B 265 -5.23 -2.47 3.59
N VAL B 266 -5.61 -2.12 2.37
CA VAL B 266 -6.39 -0.91 2.15
C VAL B 266 -7.63 -1.02 3.01
N ALA B 267 -8.21 -2.20 3.10
CA ALA B 267 -9.40 -2.42 3.92
C ALA B 267 -9.16 -2.07 5.38
N GLU B 268 -8.08 -2.63 5.92
CA GLU B 268 -7.73 -2.39 7.31
C GLU B 268 -7.55 -0.88 7.49
N MET B 269 -6.76 -0.27 6.61
CA MET B 269 -6.52 1.16 6.67
C MET B 269 -7.82 1.93 6.76
N ALA B 270 -8.84 1.44 6.07
CA ALA B 270 -10.14 2.08 6.08
C ALA B 270 -10.82 1.97 7.45
N ILE B 271 -10.81 0.77 8.04
CA ILE B 271 -11.42 0.58 9.36
C ILE B 271 -10.76 1.54 10.33
N ILE B 272 -9.43 1.53 10.33
CA ILE B 272 -8.69 2.40 11.21
C ILE B 272 -9.14 3.84 11.02
N THR B 273 -9.59 4.20 9.81
CA THR B 273 -10.03 5.55 9.58
C THR B 273 -11.37 5.72 10.25
N ARG B 274 -12.20 4.69 10.19
CA ARG B 274 -13.51 4.74 10.82
C ARG B 274 -13.33 4.79 12.32
N GLU B 275 -12.30 4.12 12.82
CA GLU B 275 -12.02 4.09 14.26
C GLU B 275 -11.64 5.47 14.76
N LEU B 276 -10.71 6.13 14.07
CA LEU B 276 -10.28 7.47 14.44
C LEU B 276 -11.41 8.48 14.24
N ALA B 277 -12.33 8.18 13.35
CA ALA B 277 -13.45 9.08 13.11
C ALA B 277 -14.37 9.13 14.34
N SER B 278 -14.57 7.97 14.95
CA SER B 278 -15.41 7.83 16.14
C SER B 278 -14.55 8.01 17.38
N SER B 279 -13.33 8.49 17.16
CA SER B 279 -12.38 8.73 18.24
C SER B 279 -12.66 10.01 19.02
N PRO B 280 -12.28 10.02 20.30
CA PRO B 280 -12.49 11.20 21.13
C PRO B 280 -11.79 12.39 20.48
N LEU B 281 -11.08 12.14 19.39
CA LEU B 281 -10.33 13.17 18.69
C LEU B 281 -11.10 13.88 17.57
N HIS B 282 -12.19 13.25 17.13
CA HIS B 282 -13.04 13.77 16.05
C HIS B 282 -13.38 15.26 16.10
N SER B 283 -14.03 15.64 17.19
CA SER B 283 -14.50 17.00 17.43
C SER B 283 -13.51 18.16 17.26
N ARG B 284 -12.29 17.85 16.80
CA ARG B 284 -11.27 18.88 16.60
C ARG B 284 -10.56 18.72 15.25
N ILE B 285 -11.03 17.77 14.45
CA ILE B 285 -10.42 17.50 13.17
C ILE B 285 -11.14 18.21 12.02
N ASP B 286 -10.46 19.18 11.41
CA ASP B 286 -11.06 19.91 10.28
C ASP B 286 -10.50 19.35 8.98
N TRP B 287 -9.52 18.45 9.11
CA TRP B 287 -8.90 17.83 7.94
C TRP B 287 -8.31 16.43 8.15
N LEU B 288 -8.30 15.65 7.08
CA LEU B 288 -7.73 14.30 7.10
C LEU B 288 -6.73 14.22 5.98
N ILE B 289 -5.58 13.64 6.28
CA ILE B 289 -4.54 13.46 5.27
C ILE B 289 -4.26 11.97 5.25
N GLY B 290 -4.97 11.24 4.39
CA GLY B 290 -4.78 9.81 4.29
C GLY B 290 -6.15 9.18 4.31
N PRO B 291 -6.26 7.84 4.42
CA PRO B 291 -5.18 6.87 4.55
C PRO B 291 -4.31 6.89 3.30
N ALA B 292 -3.02 6.64 3.47
CA ALA B 292 -2.11 6.62 2.35
C ALA B 292 -0.74 6.22 2.84
N SER B 293 0.10 5.73 1.92
CA SER B 293 1.45 5.37 2.31
C SER B 293 2.27 6.59 2.01
N LEU B 294 2.64 7.33 3.04
CA LEU B 294 3.41 8.55 2.85
C LEU B 294 4.84 8.37 3.34
N VAL B 295 5.00 7.89 4.57
CA VAL B 295 6.36 7.63 5.05
C VAL B 295 6.33 6.22 5.59
N THR B 296 6.68 5.26 4.73
CA THR B 296 6.64 3.87 5.13
C THR B 296 7.94 3.31 5.64
N ALA B 297 7.88 2.03 6.01
CA ALA B 297 9.01 1.24 6.51
C ALA B 297 8.89 -0.08 5.72
N LEU B 298 9.25 -0.03 4.44
CA LEU B 298 9.13 -1.20 3.61
C LEU B 298 7.71 -1.79 3.72
N ASP B 299 7.56 -3.07 4.05
CA ASP B 299 6.21 -3.62 4.12
C ASP B 299 5.65 -3.81 5.53
N MET B 300 6.25 -3.11 6.49
CA MET B 300 5.81 -3.17 7.89
C MET B 300 4.29 -3.08 8.01
N LYS B 301 3.67 -4.06 8.68
CA LYS B 301 2.23 -4.04 8.87
C LYS B 301 1.87 -3.14 10.05
N GLY B 302 1.88 -1.84 9.81
CA GLY B 302 1.56 -0.90 10.85
C GLY B 302 1.13 0.40 10.22
N PHE B 303 0.50 1.28 11.01
CA PHE B 303 0.03 2.55 10.50
C PHE B 303 0.44 3.57 11.53
N SER B 304 0.38 4.85 11.18
CA SER B 304 0.75 5.91 12.12
C SER B 304 -0.30 6.98 12.13
N LEU B 305 -0.28 7.80 13.18
CA LEU B 305 -1.22 8.91 13.32
C LEU B 305 -0.40 10.14 13.66
N THR B 306 -0.55 11.18 12.85
CA THR B 306 0.18 12.41 13.06
C THR B 306 -0.82 13.54 13.18
N ALA B 307 -0.70 14.28 14.27
CA ALA B 307 -1.59 15.40 14.53
C ALA B 307 -0.75 16.67 14.41
N ILE B 308 -1.34 17.71 13.84
CA ILE B 308 -0.63 18.98 13.70
C ILE B 308 -1.63 20.08 14.03
N VAL B 309 -1.24 20.99 14.94
CA VAL B 309 -2.10 22.10 15.37
C VAL B 309 -2.16 23.15 14.29
N LEU B 310 -3.37 23.63 14.03
CA LEU B 310 -3.58 24.61 12.97
C LEU B 310 -3.34 26.10 13.32
N GLU B 311 -2.86 26.39 14.53
CA GLU B 311 -2.61 27.78 14.92
C GLU B 311 -1.94 28.52 13.76
N GLU B 312 -2.40 29.75 13.51
CA GLU B 312 -1.86 30.60 12.45
C GLU B 312 -1.64 29.98 11.07
N SER B 313 -0.56 30.45 10.45
CA SER B 313 -0.09 30.07 9.11
C SER B 313 -0.12 28.60 8.70
N ILE B 314 0.20 27.69 9.62
CA ILE B 314 0.23 26.25 9.32
C ILE B 314 -0.87 25.77 8.35
N GLU B 315 -2.14 25.88 8.75
CA GLU B 315 -3.24 25.44 7.89
C GLU B 315 -3.19 26.02 6.48
N LYS B 316 -2.94 27.34 6.38
CA LYS B 316 -2.86 28.00 5.09
C LYS B 316 -1.92 27.25 4.15
N ALA B 317 -0.74 26.93 4.66
CA ALA B 317 0.28 26.21 3.89
C ALA B 317 -0.06 24.72 3.64
N LEU B 318 -0.72 24.07 4.60
CA LEU B 318 -1.08 22.67 4.38
C LEU B 318 -1.86 22.61 3.07
N LEU B 319 -3.08 23.15 3.12
CA LEU B 319 -4.03 23.20 2.00
C LEU B 319 -3.53 23.69 0.63
N THR B 320 -2.49 24.52 0.60
CA THR B 320 -1.96 24.98 -0.69
C THR B 320 -1.58 23.79 -1.55
N GLU B 321 -2.06 23.75 -2.79
CA GLU B 321 -1.72 22.64 -3.67
C GLU B 321 -0.27 22.75 -4.09
N VAL B 322 0.36 21.61 -4.37
CA VAL B 322 1.76 21.56 -4.79
C VAL B 322 1.96 20.64 -5.98
N GLU B 323 3.15 20.63 -6.54
CA GLU B 323 3.45 19.79 -7.69
C GLU B 323 4.43 18.67 -7.36
N THR B 324 4.02 17.78 -6.47
CA THR B 324 4.86 16.65 -6.07
C THR B 324 4.34 15.39 -6.71
N SER B 325 4.95 14.26 -6.34
CA SER B 325 4.58 12.97 -6.88
C SER B 325 3.51 12.28 -6.04
N ASN B 326 3.73 12.17 -4.73
CA ASN B 326 2.78 11.47 -3.85
C ASN B 326 2.07 12.29 -2.75
N TRP B 327 2.24 13.60 -2.72
CA TRP B 327 1.58 14.37 -1.68
C TRP B 327 0.07 14.33 -1.81
N PRO B 328 -0.61 13.87 -0.76
CA PRO B 328 -2.07 13.76 -0.71
C PRO B 328 -2.71 15.13 -0.50
N THR B 329 -3.97 15.28 -0.88
CA THR B 329 -4.67 16.55 -0.71
C THR B 329 -5.68 16.48 0.41
N PRO B 330 -5.38 17.13 1.54
CA PRO B 330 -6.22 17.18 2.74
C PRO B 330 -7.70 17.19 2.41
N VAL B 331 -8.44 16.40 3.16
CA VAL B 331 -9.87 16.27 2.95
C VAL B 331 -10.61 16.23 4.27
N PRO B 332 -11.60 17.13 4.44
CA PRO B 332 -12.36 17.16 5.68
C PRO B 332 -13.11 15.84 5.89
N PRO B 333 -13.09 15.30 7.13
CA PRO B 333 -13.78 14.05 7.45
C PRO B 333 -15.21 14.12 6.99
N ARG B 334 -15.55 13.37 5.95
CA ARG B 334 -16.91 13.39 5.44
C ARG B 334 -17.84 12.70 6.42
N GLU B 335 -19.13 12.96 6.27
CA GLU B 335 -20.17 12.41 7.12
C GLU B 335 -20.95 11.34 6.34
N ILE B 336 -21.01 10.11 6.85
CA ILE B 336 -21.73 9.05 6.15
C ILE B 336 -23.21 9.43 6.03
N THR B 337 -23.72 9.35 4.82
CA THR B 337 -25.11 9.69 4.56
C THR B 337 -25.88 8.52 3.98
N CYS B 338 -27.17 8.41 4.34
CA CYS B 338 -28.00 7.33 3.84
C CYS B 338 -29.01 7.78 2.79
N VAL B 339 -28.74 7.44 1.53
CA VAL B 339 -29.64 7.75 0.43
C VAL B 339 -30.72 6.67 0.45
N VAL B 340 -31.95 7.06 0.14
CA VAL B 340 -33.05 6.11 0.12
C VAL B 340 -33.59 5.93 -1.28
N SER B 341 -34.22 4.79 -1.52
CA SER B 341 -34.77 4.51 -2.84
C SER B 341 -36.21 4.06 -2.75
N SER B 342 -36.91 4.14 -3.87
CA SER B 342 -38.29 3.70 -3.93
C SER B 342 -38.18 2.20 -4.31
N HIS B 343 -37.82 1.37 -3.32
CA HIS B 343 -37.62 -0.06 -3.55
C HIS B 343 -38.86 -0.96 -3.52
N ALA B 344 -39.33 -1.27 -4.74
CA ALA B 344 -40.49 -2.13 -4.95
C ALA B 344 -40.23 -3.59 -4.53
N SER B 345 -41.12 -4.14 -3.72
CA SER B 345 -40.98 -5.53 -3.29
C SER B 345 -40.99 -6.44 -4.52
N ALA B 346 -40.18 -7.50 -4.47
CA ALA B 346 -40.09 -8.45 -5.58
C ALA B 346 -41.07 -9.60 -5.38
N ARG B 347 -41.41 -9.88 -4.14
CA ARG B 347 -42.33 -10.96 -3.82
C ARG B 347 -43.42 -11.12 -4.86
N VAL B 348 -43.27 -12.14 -5.69
CA VAL B 348 -44.22 -12.44 -6.75
C VAL B 348 -45.64 -12.60 -6.23
N GLU B 349 -46.57 -11.92 -6.88
CA GLU B 349 -47.98 -12.01 -6.51
C GLU B 349 -48.64 -13.12 -7.33
N PHE B 350 -49.63 -13.77 -6.75
CA PHE B 350 -50.33 -14.85 -7.43
C PHE B 350 -51.67 -15.14 -6.77
N GLN B 351 -52.61 -15.67 -7.54
CA GLN B 351 -53.91 -16.01 -7.01
C GLN B 351 -54.09 -17.50 -7.29
N PRO B 352 -54.26 -18.31 -6.23
CA PRO B 352 -54.45 -19.76 -6.35
C PRO B 352 -55.44 -20.18 -7.42
N SER B 353 -55.12 -21.26 -8.11
CA SER B 353 -55.95 -21.82 -9.17
C SER B 353 -55.82 -23.35 -9.14
N ALA B 354 -56.76 -24.03 -9.79
CA ALA B 354 -56.71 -25.49 -9.88
C ALA B 354 -56.49 -25.77 -11.36
N ASN B 355 -55.96 -26.96 -11.66
CA ASN B 355 -55.71 -27.35 -13.05
C ASN B 355 -55.30 -28.82 -13.02
N ALA B 356 -56.26 -29.69 -13.21
CA ALA B 356 -56.02 -31.14 -13.19
C ALA B 356 -54.74 -31.57 -13.90
N LEU B 357 -54.49 -31.01 -15.09
CA LEU B 357 -53.30 -31.34 -15.87
C LEU B 357 -52.00 -30.93 -15.16
N VAL B 358 -51.74 -29.62 -15.17
CA VAL B 358 -50.53 -29.10 -14.55
C VAL B 358 -50.28 -29.69 -13.18
N ALA B 359 -51.29 -29.71 -12.32
CA ALA B 359 -51.12 -30.26 -10.98
C ALA B 359 -50.61 -31.70 -11.04
N GLY B 360 -51.11 -32.48 -11.99
CA GLY B 360 -50.66 -33.86 -12.13
C GLY B 360 -49.16 -33.96 -12.35
N ILE B 361 -48.62 -32.97 -13.06
CA ILE B 361 -47.20 -32.92 -13.34
C ILE B 361 -46.47 -32.45 -12.09
N VAL B 362 -46.83 -31.28 -11.60
CA VAL B 362 -46.19 -30.74 -10.39
C VAL B 362 -46.15 -31.81 -9.32
N GLU B 363 -47.20 -32.61 -9.25
CA GLU B 363 -47.27 -33.70 -8.26
C GLU B 363 -46.26 -34.78 -8.63
N LEU B 364 -46.38 -35.29 -9.85
CA LEU B 364 -45.49 -36.35 -10.34
C LEU B 364 -44.01 -35.93 -10.31
N VAL B 365 -43.71 -34.74 -10.80
CA VAL B 365 -42.34 -34.25 -10.81
C VAL B 365 -41.83 -34.16 -9.38
N THR B 366 -42.50 -33.33 -8.59
CA THR B 366 -42.13 -33.12 -7.20
C THR B 366 -41.96 -34.44 -6.43
N ALA B 367 -42.91 -35.36 -6.60
CA ALA B 367 -42.84 -36.65 -5.92
C ALA B 367 -41.63 -37.45 -6.37
N THR B 368 -41.44 -37.54 -7.68
CA THR B 368 -40.31 -38.27 -8.26
C THR B 368 -38.98 -37.91 -7.60
N LEU B 369 -38.70 -36.62 -7.54
CA LEU B 369 -37.49 -36.14 -6.91
C LEU B 369 -37.47 -36.55 -5.45
N SER B 370 -38.55 -36.25 -4.75
CA SER B 370 -38.65 -36.55 -3.33
C SER B 370 -38.23 -37.96 -2.88
N ASP B 371 -38.44 -38.95 -3.73
CA ASP B 371 -38.05 -40.30 -3.36
C ASP B 371 -36.55 -40.53 -3.52
N LEU B 372 -35.99 -40.00 -4.61
CA LEU B 372 -34.57 -40.17 -4.89
C LEU B 372 -33.61 -39.76 -3.77
N GLU B 373 -33.97 -38.73 -2.99
CA GLU B 373 -33.13 -38.20 -1.90
C GLU B 373 -31.95 -39.07 -1.49
N THR B 374 -32.24 -40.28 -1.06
CA THR B 374 -31.19 -41.20 -0.61
C THR B 374 -30.15 -41.50 -1.69
N HIS B 375 -30.63 -42.01 -2.82
CA HIS B 375 -29.77 -42.36 -3.94
C HIS B 375 -28.96 -41.18 -4.51
N LEU B 376 -29.59 -40.03 -4.62
CA LEU B 376 -28.91 -38.85 -5.14
C LEU B 376 -27.81 -38.44 -4.15
N ASN B 377 -28.06 -38.67 -2.86
CA ASN B 377 -27.07 -38.32 -1.84
C ASN B 377 -25.90 -39.27 -1.96
N ALA B 378 -26.20 -40.52 -2.27
CA ALA B 378 -25.18 -41.55 -2.44
C ALA B 378 -24.28 -41.14 -3.60
N LEU B 379 -24.89 -40.78 -4.72
CA LEU B 379 -24.13 -40.38 -5.89
C LEU B 379 -23.30 -39.14 -5.62
N ASP B 380 -23.89 -38.18 -4.90
CA ASP B 380 -23.21 -36.94 -4.60
C ASP B 380 -22.08 -37.16 -3.61
N ALA B 381 -22.11 -38.29 -2.93
CA ALA B 381 -21.09 -38.62 -1.94
C ALA B 381 -19.77 -39.09 -2.59
N LYS B 382 -19.88 -39.84 -3.68
CA LYS B 382 -18.71 -40.35 -4.41
C LYS B 382 -18.18 -39.23 -5.31
N VAL B 383 -18.97 -38.18 -5.47
CA VAL B 383 -18.59 -37.05 -6.30
C VAL B 383 -18.30 -35.75 -5.53
N GLY B 384 -19.25 -35.32 -4.69
CA GLY B 384 -19.09 -34.10 -3.92
C GLY B 384 -19.41 -34.22 -2.44
N ASP B 385 -20.18 -33.27 -1.90
CA ASP B 385 -20.55 -33.25 -0.48
C ASP B 385 -21.80 -34.05 -0.08
N GLY B 386 -22.10 -35.11 -0.82
CA GLY B 386 -23.25 -35.95 -0.53
C GLY B 386 -24.52 -35.27 -0.05
N ASP B 387 -24.82 -34.09 -0.62
CA ASP B 387 -26.01 -33.32 -0.25
C ASP B 387 -27.06 -33.17 -1.34
N THR B 388 -26.80 -33.65 -2.55
CA THR B 388 -27.77 -33.49 -3.65
C THR B 388 -29.19 -33.95 -3.34
N GLY B 389 -29.38 -35.25 -3.16
CA GLY B 389 -30.69 -35.78 -2.87
C GLY B 389 -31.46 -34.96 -1.85
N SER B 390 -30.81 -34.63 -0.74
CA SER B 390 -31.47 -33.84 0.28
C SER B 390 -31.79 -32.45 -0.24
N THR B 391 -30.82 -31.80 -0.87
CA THR B 391 -31.03 -30.46 -1.41
C THR B 391 -32.19 -30.45 -2.38
N PHE B 392 -32.16 -31.36 -3.35
CA PHE B 392 -33.20 -31.41 -4.35
C PHE B 392 -34.58 -31.72 -3.76
N ALA B 393 -34.62 -32.51 -2.69
CA ALA B 393 -35.88 -32.89 -2.04
C ALA B 393 -36.51 -31.69 -1.32
N ALA B 394 -35.67 -30.89 -0.69
CA ALA B 394 -36.14 -29.69 -0.01
C ALA B 394 -37.00 -28.90 -0.98
N ALA B 395 -36.45 -28.62 -2.16
CA ALA B 395 -37.15 -27.87 -3.19
C ALA B 395 -38.41 -28.56 -3.64
N ALA B 396 -38.36 -29.90 -3.68
CA ALA B 396 -39.52 -30.68 -4.10
C ALA B 396 -40.57 -30.66 -3.02
N ARG B 397 -40.20 -31.13 -1.82
CA ARG B 397 -41.11 -31.17 -0.68
C ARG B 397 -41.84 -29.81 -0.58
N GLU B 398 -41.09 -28.73 -0.73
CA GLU B 398 -41.64 -27.37 -0.64
C GLU B 398 -42.72 -27.11 -1.67
N ILE B 399 -42.43 -27.36 -2.95
CA ILE B 399 -43.45 -27.13 -3.97
C ILE B 399 -44.56 -28.17 -3.81
N ALA B 400 -44.19 -29.38 -3.38
CA ALA B 400 -45.15 -30.46 -3.18
C ALA B 400 -46.17 -30.00 -2.15
N SER B 401 -45.67 -29.42 -1.06
CA SER B 401 -46.51 -28.87 0.00
C SER B 401 -47.45 -27.82 -0.64
N LEU B 402 -46.87 -26.71 -1.08
CA LEU B 402 -47.63 -25.66 -1.72
C LEU B 402 -48.67 -26.21 -2.70
N LEU B 403 -48.44 -27.41 -3.22
CA LEU B 403 -49.38 -28.01 -4.15
C LEU B 403 -50.60 -28.45 -3.37
N HIS B 404 -50.33 -29.26 -2.35
CA HIS B 404 -51.33 -29.84 -1.46
C HIS B 404 -52.18 -28.82 -0.67
N ARG B 405 -51.56 -27.72 -0.24
CA ARG B 405 -52.28 -26.67 0.48
C ARG B 405 -53.08 -25.80 -0.49
N GLN B 406 -53.27 -26.28 -1.72
CA GLN B 406 -54.01 -25.54 -2.75
C GLN B 406 -53.53 -24.12 -2.95
N GLN B 407 -52.27 -23.84 -2.57
CA GLN B 407 -51.73 -22.48 -2.71
C GLN B 407 -50.92 -22.19 -3.98
N LEU B 408 -51.00 -23.07 -4.99
CA LEU B 408 -50.25 -22.90 -6.25
C LEU B 408 -51.08 -22.35 -7.43
N PRO B 409 -50.53 -21.37 -8.16
CA PRO B 409 -51.19 -20.76 -9.32
C PRO B 409 -51.19 -21.63 -10.57
N LEU B 410 -51.52 -22.91 -10.39
CA LEU B 410 -51.55 -23.87 -11.48
C LEU B 410 -52.11 -23.38 -12.82
N ASN B 411 -53.10 -22.48 -12.78
CA ASN B 411 -53.71 -22.00 -14.02
C ASN B 411 -52.83 -21.11 -14.87
N ASN B 412 -51.85 -20.46 -14.23
CA ASN B 412 -50.95 -19.59 -14.97
C ASN B 412 -49.53 -20.09 -14.80
N LEU B 413 -48.94 -20.61 -15.87
CA LEU B 413 -47.57 -21.12 -15.83
C LEU B 413 -46.56 -20.03 -15.61
N ALA B 414 -46.54 -19.03 -16.50
CA ALA B 414 -45.59 -17.93 -16.37
C ALA B 414 -45.51 -17.45 -14.91
N THR B 415 -46.59 -17.62 -14.17
CA THR B 415 -46.63 -17.21 -12.77
C THR B 415 -46.16 -18.34 -11.85
N LEU B 416 -46.55 -19.58 -12.18
CA LEU B 416 -46.14 -20.75 -11.38
C LEU B 416 -44.62 -20.90 -11.44
N PHE B 417 -44.04 -20.74 -12.63
CA PHE B 417 -42.61 -20.83 -12.77
C PHE B 417 -42.00 -19.75 -11.89
N ALA B 418 -42.36 -18.50 -12.17
CA ALA B 418 -41.87 -17.36 -11.41
C ALA B 418 -41.98 -17.58 -9.90
N LEU B 419 -43.03 -18.29 -9.48
CA LEU B 419 -43.19 -18.54 -8.06
C LEU B 419 -42.18 -19.57 -7.59
N ILE B 420 -42.10 -20.70 -8.30
CA ILE B 420 -41.14 -21.73 -7.95
C ILE B 420 -39.73 -21.13 -7.92
N GLY B 421 -39.42 -20.35 -8.94
CA GLY B 421 -38.11 -19.72 -8.99
C GLY B 421 -37.84 -18.94 -7.72
N GLU B 422 -38.81 -18.13 -7.32
CA GLU B 422 -38.71 -17.30 -6.12
C GLU B 422 -38.88 -18.10 -4.83
N ARG B 423 -38.79 -19.42 -4.85
CA ARG B 423 -38.96 -20.17 -3.61
C ARG B 423 -37.91 -21.24 -3.37
N LEU B 424 -37.38 -21.81 -4.45
CA LEU B 424 -36.38 -22.87 -4.34
C LEU B 424 -35.12 -22.41 -3.60
N THR B 425 -34.59 -21.24 -3.96
CA THR B 425 -33.39 -20.72 -3.31
C THR B 425 -33.54 -20.77 -1.80
N VAL B 426 -34.75 -20.51 -1.31
CA VAL B 426 -35.01 -20.52 0.13
C VAL B 426 -34.91 -21.92 0.74
N VAL B 427 -35.74 -22.86 0.27
CA VAL B 427 -35.69 -24.22 0.81
C VAL B 427 -34.35 -24.91 0.57
N MET B 428 -33.71 -24.59 -0.56
CA MET B 428 -32.42 -25.20 -0.89
C MET B 428 -31.34 -24.14 -0.97
N GLY B 429 -30.29 -24.31 -0.19
CA GLY B 429 -29.18 -23.36 -0.24
C GLY B 429 -28.27 -23.91 -1.32
N GLY B 430 -27.09 -23.33 -1.44
CA GLY B 430 -26.15 -23.83 -2.44
C GLY B 430 -26.45 -23.45 -3.87
N SER B 431 -25.42 -23.53 -4.72
CA SER B 431 -25.53 -23.17 -6.13
C SER B 431 -26.75 -23.78 -6.83
N SER B 432 -27.02 -25.06 -6.56
CA SER B 432 -28.15 -25.73 -7.17
C SER B 432 -29.37 -24.85 -7.05
N GLY B 433 -29.74 -24.53 -5.80
CA GLY B 433 -30.89 -23.68 -5.55
C GLY B 433 -30.93 -22.46 -6.45
N VAL B 434 -29.84 -21.72 -6.49
CA VAL B 434 -29.76 -20.54 -7.33
C VAL B 434 -29.89 -20.91 -8.81
N LEU B 435 -29.26 -22.00 -9.22
CA LEU B 435 -29.33 -22.43 -10.62
C LEU B 435 -30.77 -22.79 -10.96
N MET B 436 -31.37 -23.60 -10.10
CA MET B 436 -32.74 -24.03 -10.27
C MET B 436 -33.69 -22.83 -10.19
N SER B 437 -33.23 -21.71 -9.62
CA SER B 437 -34.04 -20.49 -9.56
C SER B 437 -33.86 -19.76 -10.85
N ILE B 438 -32.61 -19.61 -11.29
CA ILE B 438 -32.35 -18.96 -12.56
C ILE B 438 -33.17 -19.63 -13.67
N PHE B 439 -33.28 -20.95 -13.60
CA PHE B 439 -34.03 -21.71 -14.59
C PHE B 439 -35.44 -21.23 -14.68
N PHE B 440 -36.25 -21.56 -13.68
CA PHE B 440 -37.65 -21.16 -13.67
C PHE B 440 -37.86 -19.66 -13.80
N THR B 441 -37.13 -18.87 -13.02
CA THR B 441 -37.28 -17.43 -13.12
C THR B 441 -37.17 -16.96 -14.57
N ALA B 442 -36.09 -17.35 -15.24
CA ALA B 442 -35.90 -16.95 -16.63
C ALA B 442 -36.96 -17.60 -17.49
N ALA B 443 -37.38 -18.80 -17.10
CA ALA B 443 -38.39 -19.52 -17.85
C ALA B 443 -39.68 -18.71 -17.86
N GLY B 444 -40.18 -18.41 -16.66
CA GLY B 444 -41.41 -17.65 -16.48
C GLY B 444 -41.44 -16.32 -17.21
N GLN B 445 -40.28 -15.74 -17.50
CA GLN B 445 -40.27 -14.47 -18.22
C GLN B 445 -40.27 -14.71 -19.72
N LYS B 446 -40.28 -15.98 -20.11
CA LYS B 446 -40.33 -16.32 -21.52
C LYS B 446 -41.78 -16.69 -21.75
N LEU B 447 -42.36 -17.43 -20.81
CA LEU B 447 -43.77 -17.81 -20.90
C LEU B 447 -44.56 -16.53 -20.86
N GLU B 448 -44.23 -15.67 -19.91
CA GLU B 448 -44.90 -14.39 -19.76
C GLU B 448 -44.96 -13.67 -21.10
N GLN B 449 -43.81 -13.47 -21.74
CA GLN B 449 -43.80 -12.80 -23.03
C GLN B 449 -44.28 -13.74 -24.13
N GLY B 450 -45.42 -14.39 -23.85
CA GLY B 450 -46.05 -15.33 -24.78
C GLY B 450 -45.23 -16.38 -25.53
N ALA B 451 -44.94 -17.49 -24.87
CA ALA B 451 -44.18 -18.55 -25.52
C ALA B 451 -44.63 -19.90 -24.98
N ASN B 452 -44.45 -20.95 -25.76
CA ASN B 452 -44.88 -22.28 -25.35
C ASN B 452 -43.97 -22.83 -24.25
N VAL B 453 -44.47 -23.85 -23.55
CA VAL B 453 -43.76 -24.47 -22.45
C VAL B 453 -42.33 -24.95 -22.78
N VAL B 454 -42.14 -25.50 -23.96
CA VAL B 454 -40.82 -25.98 -24.32
C VAL B 454 -39.83 -24.86 -24.66
N GLU B 455 -40.33 -23.75 -25.18
CA GLU B 455 -39.44 -22.65 -25.52
C GLU B 455 -38.95 -21.93 -24.29
N ALA B 456 -39.78 -21.95 -23.24
CA ALA B 456 -39.43 -21.29 -21.98
C ALA B 456 -38.39 -22.15 -21.27
N LEU B 457 -38.70 -23.42 -21.14
CA LEU B 457 -37.79 -24.35 -20.51
C LEU B 457 -36.41 -24.26 -21.15
N ASN B 458 -36.36 -24.28 -22.48
CA ASN B 458 -35.12 -24.21 -23.24
C ASN B 458 -34.37 -22.91 -22.95
N THR B 459 -35.12 -21.81 -22.78
CA THR B 459 -34.51 -20.52 -22.48
C THR B 459 -34.08 -20.48 -21.01
N GLY B 460 -34.89 -21.08 -20.13
CA GLY B 460 -34.52 -21.12 -18.72
C GLY B 460 -33.18 -21.84 -18.60
N LEU B 461 -32.95 -22.76 -19.53
CA LEU B 461 -31.70 -23.53 -19.58
C LEU B 461 -30.56 -22.66 -20.08
N ALA B 462 -30.80 -21.97 -21.20
CA ALA B 462 -29.80 -21.10 -21.80
C ALA B 462 -29.23 -20.12 -20.78
N GLN B 463 -30.08 -19.66 -19.89
CA GLN B 463 -29.66 -18.73 -18.86
C GLN B 463 -28.83 -19.48 -17.81
N MET B 464 -29.31 -20.66 -17.45
CA MET B 464 -28.63 -21.46 -16.46
C MET B 464 -27.20 -21.71 -16.91
N LYS B 465 -27.01 -21.78 -18.21
CA LYS B 465 -25.68 -22.04 -18.74
C LYS B 465 -24.86 -20.77 -18.71
N PHE B 466 -25.48 -19.67 -19.11
CA PHE B 466 -24.79 -18.40 -19.15
C PHE B 466 -24.22 -17.99 -17.79
N TYR B 467 -25.00 -18.11 -16.74
CA TYR B 467 -24.54 -17.73 -15.41
C TYR B 467 -23.79 -18.87 -14.74
N GLY B 468 -24.32 -20.07 -14.90
CA GLY B 468 -23.69 -21.23 -14.29
C GLY B 468 -22.37 -21.63 -14.93
N GLY B 469 -22.11 -21.13 -16.15
CA GLY B 469 -20.87 -21.42 -16.86
C GLY B 469 -20.69 -22.83 -17.40
N ALA B 470 -21.68 -23.71 -17.21
CA ALA B 470 -21.57 -25.10 -17.67
C ALA B 470 -22.12 -25.38 -19.05
N ASP B 471 -21.38 -26.18 -19.82
CA ASP B 471 -21.79 -26.58 -21.17
C ASP B 471 -22.04 -28.07 -21.17
N GLU B 472 -22.46 -28.59 -22.31
CA GLU B 472 -22.72 -30.02 -22.39
C GLU B 472 -21.37 -30.72 -22.45
N GLY B 473 -21.17 -31.72 -21.60
CA GLY B 473 -19.91 -32.44 -21.56
C GLY B 473 -19.14 -32.17 -20.28
N ASP B 474 -19.65 -31.25 -19.45
CA ASP B 474 -19.00 -30.91 -18.18
C ASP B 474 -19.48 -31.78 -17.02
N ARG B 475 -20.08 -32.93 -17.32
CA ARG B 475 -20.58 -33.83 -16.27
C ARG B 475 -21.54 -33.08 -15.37
N THR B 476 -22.59 -32.53 -15.95
CA THR B 476 -23.53 -31.76 -15.16
C THR B 476 -24.95 -32.11 -15.55
N MET B 477 -25.93 -31.57 -14.85
CA MET B 477 -27.32 -31.88 -15.19
C MET B 477 -27.63 -31.28 -16.55
N ILE B 478 -26.80 -30.34 -16.99
CA ILE B 478 -26.98 -29.75 -18.30
C ILE B 478 -26.84 -30.87 -19.36
N ASP B 479 -26.05 -31.89 -19.05
CA ASP B 479 -25.80 -33.03 -19.95
C ASP B 479 -27.03 -33.86 -20.24
N ALA B 480 -28.07 -33.73 -19.43
CA ALA B 480 -29.30 -34.49 -19.63
C ALA B 480 -30.46 -33.58 -19.97
N LEU B 481 -30.41 -32.36 -19.43
CA LEU B 481 -31.48 -31.41 -19.68
C LEU B 481 -31.54 -31.05 -21.14
N GLN B 482 -30.46 -30.44 -21.63
CA GLN B 482 -30.39 -30.00 -23.01
C GLN B 482 -30.91 -31.04 -23.98
N PRO B 483 -30.28 -32.22 -24.03
CA PRO B 483 -30.72 -33.28 -24.94
C PRO B 483 -32.23 -33.45 -24.84
N ALA B 484 -32.71 -33.56 -23.61
CA ALA B 484 -34.13 -33.73 -23.36
C ALA B 484 -34.92 -32.55 -23.91
N LEU B 485 -34.47 -31.35 -23.63
CA LEU B 485 -35.21 -30.20 -24.13
C LEU B 485 -35.05 -30.08 -25.64
N THR B 486 -33.90 -30.48 -26.16
CA THR B 486 -33.69 -30.41 -27.60
C THR B 486 -34.60 -31.42 -28.29
N SER B 487 -34.96 -32.48 -27.58
CA SER B 487 -35.84 -33.51 -28.17
C SER B 487 -37.30 -33.02 -28.18
N LEU B 488 -37.68 -32.24 -27.17
CA LEU B 488 -39.05 -31.74 -27.09
C LEU B 488 -39.29 -30.60 -28.06
N LEU B 489 -38.21 -29.92 -28.45
CA LEU B 489 -38.32 -28.81 -29.36
C LEU B 489 -38.61 -29.30 -30.78
N ALA B 490 -38.28 -30.57 -31.02
CA ALA B 490 -38.52 -31.21 -32.31
C ALA B 490 -39.90 -31.87 -32.21
N GLN B 491 -39.99 -32.95 -31.43
CA GLN B 491 -41.24 -33.68 -31.22
C GLN B 491 -41.77 -33.28 -29.84
N PRO B 492 -42.45 -32.12 -29.74
CA PRO B 492 -43.03 -31.55 -28.51
C PRO B 492 -43.91 -32.45 -27.64
N LYS B 493 -44.47 -33.50 -28.21
CA LYS B 493 -45.34 -34.37 -27.42
C LYS B 493 -44.75 -35.73 -27.10
N ASN B 494 -43.59 -36.02 -27.68
CA ASN B 494 -42.95 -37.31 -27.46
C ASN B 494 -42.09 -37.31 -26.18
N LEU B 495 -42.68 -37.73 -25.07
CA LEU B 495 -41.97 -37.77 -23.79
C LEU B 495 -40.98 -38.92 -23.67
N GLN B 496 -41.22 -40.00 -24.40
CA GLN B 496 -40.31 -41.14 -24.37
C GLN B 496 -39.04 -40.68 -25.04
N ALA B 497 -39.20 -40.02 -26.18
CA ALA B 497 -38.08 -39.52 -26.94
C ALA B 497 -37.18 -38.66 -26.08
N ALA B 498 -37.79 -37.71 -25.37
CA ALA B 498 -37.05 -36.81 -24.49
C ALA B 498 -36.49 -37.59 -23.30
N PHE B 499 -37.21 -38.61 -22.84
CA PHE B 499 -36.69 -39.37 -21.72
C PHE B 499 -35.39 -40.00 -22.13
N ASP B 500 -35.46 -40.76 -23.22
CA ASP B 500 -34.28 -41.45 -23.73
C ASP B 500 -33.08 -40.50 -23.89
N ALA B 501 -33.33 -39.33 -24.45
CA ALA B 501 -32.28 -38.35 -24.65
C ALA B 501 -31.56 -38.04 -23.33
N ALA B 502 -32.33 -37.84 -22.27
CA ALA B 502 -31.75 -37.53 -20.98
C ALA B 502 -30.95 -38.70 -20.46
N GLN B 503 -31.56 -39.89 -20.50
CA GLN B 503 -30.91 -41.11 -20.01
C GLN B 503 -29.56 -41.35 -20.72
N ALA B 504 -29.48 -40.97 -21.99
CA ALA B 504 -28.23 -41.12 -22.74
C ALA B 504 -27.23 -40.10 -22.19
N GLY B 505 -27.65 -38.84 -22.10
CA GLY B 505 -26.79 -37.80 -21.58
C GLY B 505 -26.36 -38.14 -20.16
N ALA B 506 -27.31 -38.56 -19.34
CA ALA B 506 -27.01 -38.91 -17.96
C ALA B 506 -25.93 -39.98 -17.90
N GLU B 507 -25.89 -40.82 -18.92
CA GLU B 507 -24.92 -41.89 -19.01
C GLU B 507 -23.52 -41.42 -19.41
N ARG B 508 -23.44 -40.37 -20.22
CA ARG B 508 -22.13 -39.85 -20.62
C ARG B 508 -21.36 -39.38 -19.39
N THR B 509 -22.07 -38.73 -18.47
CA THR B 509 -21.47 -38.21 -17.25
C THR B 509 -20.86 -39.36 -16.46
N CYS B 510 -21.27 -40.57 -16.82
CA CYS B 510 -20.81 -41.77 -16.16
C CYS B 510 -19.47 -42.22 -16.72
N LEU B 511 -19.15 -41.75 -17.92
CA LEU B 511 -17.91 -42.15 -18.57
C LEU B 511 -16.71 -41.24 -18.39
N SER B 512 -16.62 -40.54 -17.27
CA SER B 512 -15.48 -39.67 -17.02
C SER B 512 -15.32 -39.38 -15.54
N SER B 513 -15.18 -40.46 -14.75
CA SER B 513 -15.03 -40.35 -13.28
C SER B 513 -13.59 -40.01 -12.83
N LYS B 514 -13.44 -39.70 -11.54
CA LYS B 514 -12.14 -39.37 -10.98
C LYS B 514 -12.26 -39.47 -9.45
N ALA B 515 -13.31 -40.16 -9.00
CA ALA B 515 -13.61 -40.36 -7.58
C ALA B 515 -12.67 -41.34 -6.87
N LEU B 529 -22.21 -47.66 -12.73
CA LEU B 529 -23.07 -46.49 -12.58
C LEU B 529 -23.02 -45.91 -11.17
N GLY B 530 -21.81 -45.85 -10.61
CA GLY B 530 -21.65 -45.30 -9.27
C GLY B 530 -20.89 -44.00 -9.37
N ASN B 531 -20.51 -43.65 -10.60
CA ASN B 531 -19.77 -42.44 -10.91
C ASN B 531 -20.70 -41.37 -11.50
N MET B 532 -21.99 -41.70 -11.61
CA MET B 532 -22.97 -40.79 -12.18
C MET B 532 -23.18 -39.47 -11.43
N ASP B 533 -23.30 -38.40 -12.21
CA ASP B 533 -23.52 -37.06 -11.68
C ASP B 533 -24.96 -36.99 -11.19
N PRO B 534 -25.17 -36.69 -9.90
CA PRO B 534 -26.50 -36.59 -9.29
C PRO B 534 -27.47 -35.75 -10.10
N GLY B 535 -27.00 -34.58 -10.54
CA GLY B 535 -27.85 -33.70 -11.33
C GLY B 535 -28.46 -34.44 -12.50
N ALA B 536 -27.62 -34.97 -13.37
CA ALA B 536 -28.07 -35.73 -14.55
C ALA B 536 -29.12 -36.75 -14.17
N GLN B 537 -28.78 -37.67 -13.27
CA GLN B 537 -29.75 -38.68 -12.84
C GLN B 537 -31.08 -38.03 -12.48
N ALA B 538 -31.03 -37.11 -11.52
CA ALA B 538 -32.20 -36.38 -11.06
C ALA B 538 -33.06 -36.01 -12.25
N LEU B 539 -32.44 -35.38 -13.23
CA LEU B 539 -33.13 -34.96 -14.44
C LEU B 539 -33.77 -36.12 -15.18
N ALA B 540 -32.95 -37.08 -15.58
CA ALA B 540 -33.39 -38.25 -16.31
C ALA B 540 -34.58 -38.97 -15.66
N MET B 541 -34.48 -39.25 -14.36
CA MET B 541 -35.56 -39.93 -13.68
C MET B 541 -36.84 -39.12 -13.72
N VAL B 542 -36.71 -37.80 -13.90
CA VAL B 542 -37.87 -36.94 -13.99
C VAL B 542 -38.56 -37.18 -15.33
N PHE B 543 -37.81 -37.05 -16.42
CA PHE B 543 -38.39 -37.29 -17.74
C PHE B 543 -38.87 -38.73 -17.90
N LYS B 544 -38.31 -39.64 -17.12
CA LYS B 544 -38.73 -41.03 -17.17
C LYS B 544 -40.12 -41.10 -16.56
N ALA B 545 -40.30 -40.35 -15.46
CA ALA B 545 -41.58 -40.32 -14.78
C ALA B 545 -42.64 -39.83 -15.73
N LEU B 546 -42.36 -38.70 -16.37
CA LEU B 546 -43.31 -38.14 -17.31
C LEU B 546 -43.68 -39.13 -18.41
N ALA B 547 -42.69 -39.79 -18.99
CA ALA B 547 -42.93 -40.74 -20.08
C ALA B 547 -43.78 -41.97 -19.70
N GLU B 548 -43.58 -42.48 -18.49
CA GLU B 548 -44.35 -43.64 -18.03
C GLU B 548 -45.72 -43.17 -17.52
N SER B 549 -46.42 -42.38 -18.35
CA SER B 549 -47.75 -41.87 -18.00
C SER B 549 -48.37 -41.16 -19.20
N GLU B 550 -47.66 -41.18 -20.33
CA GLU B 550 -48.15 -40.57 -21.55
C GLU B 550 -47.75 -41.44 -22.76
#